data_7CB1
#
_entry.id   7CB1
#
_cell.length_a   55.846
_cell.length_b   104.077
_cell.length_c   186.286
_cell.angle_alpha   90.000
_cell.angle_beta   90.000
_cell.angle_gamma   90.000
#
_symmetry.space_group_name_H-M   'P 21 21 21'
#
loop_
_entity.id
_entity.type
_entity.pdbx_description
1 polymer 'Chitinase B'
2 non-polymer 6-azanyl-11-methyl-2-oxidanylidene-N-[(1S)-1-pyridin-3-ylethyl]-1,7,9-triazatricyclo[8.4.0.0^{3,8}]tetradeca-3,5,7,9,11,13-hexaene-5-carboxamide
3 water water
#
_entity_poly.entity_id   1
_entity_poly.type   'polypeptide(L)'
_entity_poly.pdbx_seq_one_letter_code
;DPSSRSTRKAVIGYYFIPTNQINNYTETDTSVVPFPVSNITPAKAKQLTHINFSFLDINSNLECAWDPATNDAKARDVVN
RLTALKAHNPSLRIMFSIGGWYYSNDLGVSHANYVNAVKTPASRAKFAQSCVRIMKDYGFDGVDIDWEYPQAAEVDGFIA
ALQEIRTLLNQQTITDGRQALPYQLTIAGAGGAFFLSRYYSKLAQIVAPLDYINLMTYDLAGPWEKVTNHQAALFGDAAG
PTFYNALREANLGWSWEELTRAFPSPFSLTVDAAVQQHLMMEGVPSAKIVMGVPFYGRAFKGVSGGNGGQYSSHSTPGED
PYPSTDYWLVGCEECVRDKDPRIASYRQLEQMLQGNYGYQRLWNDKTKTPYLYHAQNELFVTYDDAESFKYKAKYIKQQQ
LGGVMFWHLGQDNRNGDLLASLDRYFNAADYDDSQLDMGTGLRYTGVGPGNLPIMTAPAYVPGTTYAQGALVSYQGYVWQ
TKWGYITSAPGSDSAWLKVGRVAHHHHHH
;
_entity_poly.pdbx_strand_id   A,B
#
# COMPACT_ATOMS: atom_id res chain seq x y z
N THR A 7 -11.63 32.01 -20.06
CA THR A 7 -12.72 31.81 -19.11
C THR A 7 -12.47 32.58 -17.81
N ARG A 8 -13.44 33.44 -17.46
CA ARG A 8 -13.32 34.23 -16.25
C ARG A 8 -13.16 33.36 -15.01
N LYS A 9 -12.17 33.66 -14.19
CA LYS A 9 -11.96 32.92 -12.95
C LYS A 9 -13.14 33.14 -12.01
N ALA A 10 -13.54 32.09 -11.30
CA ALA A 10 -14.52 32.27 -10.25
C ALA A 10 -13.94 33.06 -9.08
N VAL A 11 -14.76 33.90 -8.48
CA VAL A 11 -14.45 34.57 -7.21
C VAL A 11 -15.65 34.31 -6.31
N ILE A 12 -15.52 33.35 -5.39
CA ILE A 12 -16.65 32.85 -4.61
C ILE A 12 -16.48 33.30 -3.17
N GLY A 13 -17.39 34.15 -2.70
CA GLY A 13 -17.34 34.65 -1.34
C GLY A 13 -18.48 34.09 -0.52
N TYR A 14 -18.14 33.52 0.62
CA TYR A 14 -19.15 33.12 1.58
C TYR A 14 -19.78 34.34 2.23
N TYR A 15 -21.11 34.37 2.26
CA TYR A 15 -21.84 35.28 3.14
C TYR A 15 -22.43 34.43 4.25
N PHE A 16 -21.87 34.54 5.45
CA PHE A 16 -22.32 33.75 6.58
C PHE A 16 -23.11 34.64 7.53
N ILE A 17 -24.32 34.22 7.88
CA ILE A 17 -25.09 34.98 8.84
C ILE A 17 -25.78 34.00 9.78
N PRO A 18 -25.55 34.11 11.09
CA PRO A 18 -26.16 33.18 12.04
C PRO A 18 -27.67 33.41 12.16
N THR A 19 -28.34 32.42 12.75
CA THR A 19 -29.80 32.46 12.82
C THR A 19 -30.29 33.66 13.64
N ASN A 20 -29.60 33.97 14.75
CA ASN A 20 -30.02 35.12 15.55
C ASN A 20 -29.94 36.43 14.76
N GLN A 21 -28.95 36.56 13.87
CA GLN A 21 -28.83 37.77 13.09
C GLN A 21 -29.85 37.83 11.96
N ILE A 22 -30.22 36.67 11.41
CA ILE A 22 -31.31 36.64 10.43
C ILE A 22 -32.60 37.11 11.08
N ASN A 23 -32.92 36.54 12.24
CA ASN A 23 -34.16 36.90 12.91
C ASN A 23 -34.18 38.37 13.34
N ASN A 24 -33.03 38.94 13.65
CA ASN A 24 -32.93 40.34 14.08
C ASN A 24 -32.38 41.26 13.00
N TYR A 25 -32.49 40.88 11.73
CA TYR A 25 -31.75 41.56 10.69
C TYR A 25 -32.10 43.05 10.63
N THR A 26 -31.06 43.88 10.54
CA THR A 26 -31.17 45.32 10.37
C THR A 26 -29.89 45.82 9.73
N GLU A 27 -30.01 46.87 8.93
CA GLU A 27 -28.88 47.45 8.23
C GLU A 27 -28.36 48.73 8.89
N THR A 28 -28.76 49.00 10.12
CA THR A 28 -28.44 50.27 10.79
C THR A 28 -27.98 50.05 12.22
N ASP A 29 -27.39 48.88 12.51
CA ASP A 29 -26.94 48.59 13.88
C ASP A 29 -25.87 47.51 13.80
N THR A 30 -24.60 47.93 13.80
CA THR A 30 -23.49 46.99 13.68
C THR A 30 -23.42 46.03 14.86
N SER A 31 -23.91 46.43 16.02
CA SER A 31 -23.78 45.59 17.21
C SER A 31 -24.71 44.38 17.16
N VAL A 32 -25.74 44.39 16.31
CA VAL A 32 -26.59 43.22 16.13
C VAL A 32 -26.28 42.50 14.83
N VAL A 33 -26.12 43.23 13.74
CA VAL A 33 -25.68 42.63 12.48
C VAL A 33 -24.42 43.33 12.00
N PRO A 34 -23.24 42.78 12.29
CA PRO A 34 -21.99 43.46 11.93
C PRO A 34 -21.80 43.62 10.43
N PHE A 35 -22.38 42.76 9.61
CA PHE A 35 -22.13 42.80 8.17
C PHE A 35 -23.43 42.59 7.42
N PRO A 36 -24.32 43.60 7.42
CA PRO A 36 -25.53 43.52 6.62
C PRO A 36 -25.19 43.51 5.14
N VAL A 37 -26.14 43.00 4.35
CA VAL A 37 -25.95 42.89 2.90
C VAL A 37 -25.71 44.25 2.26
N SER A 38 -26.22 45.32 2.86
CA SER A 38 -26.02 46.64 2.27
C SER A 38 -24.54 47.03 2.22
N ASN A 39 -23.67 46.37 2.98
CA ASN A 39 -22.24 46.59 2.84
C ASN A 39 -21.68 46.06 1.53
N ILE A 40 -22.45 45.26 0.79
CA ILE A 40 -22.01 44.73 -0.51
C ILE A 40 -22.52 45.69 -1.58
N THR A 41 -21.68 46.65 -1.96
CA THR A 41 -21.99 47.69 -2.91
C THR A 41 -22.03 47.15 -4.33
N PRO A 42 -22.57 47.92 -5.29
CA PRO A 42 -22.52 47.47 -6.69
C PRO A 42 -21.12 47.15 -7.17
N ALA A 43 -20.14 47.95 -6.76
CA ALA A 43 -18.75 47.68 -7.11
C ALA A 43 -18.33 46.29 -6.65
N LYS A 44 -18.65 45.95 -5.39
CA LYS A 44 -18.25 44.64 -4.88
C LYS A 44 -19.04 43.53 -5.54
N ALA A 45 -20.33 43.75 -5.84
CA ALA A 45 -21.13 42.77 -6.54
C ALA A 45 -20.51 42.40 -7.89
N LYS A 46 -19.94 43.40 -8.59
CA LYS A 46 -19.30 43.13 -9.88
C LYS A 46 -17.99 42.39 -9.72
N GLN A 47 -17.37 42.43 -8.54
CA GLN A 47 -16.10 41.74 -8.34
C GLN A 47 -16.29 40.26 -8.01
N LEU A 48 -17.48 39.86 -7.58
CA LEU A 48 -17.81 38.48 -7.27
C LEU A 48 -18.42 37.78 -8.49
N THR A 49 -18.19 36.47 -8.59
CA THR A 49 -18.99 35.64 -9.48
C THR A 49 -20.03 34.80 -8.75
N HIS A 50 -19.75 34.44 -7.48
CA HIS A 50 -20.65 33.67 -6.65
C HIS A 50 -20.63 34.20 -5.22
N ILE A 51 -21.78 34.19 -4.57
CA ILE A 51 -21.87 34.34 -3.13
C ILE A 51 -22.50 33.08 -2.57
N ASN A 52 -21.82 32.45 -1.60
CA ASN A 52 -22.35 31.25 -0.94
C ASN A 52 -23.06 31.72 0.32
N PHE A 53 -24.38 31.92 0.22
CA PHE A 53 -25.16 32.17 1.43
C PHE A 53 -25.13 30.93 2.31
N SER A 54 -24.82 31.10 3.60
CA SER A 54 -24.56 29.97 4.48
C SER A 54 -25.04 30.26 5.90
N PHE A 55 -25.51 29.24 6.62
CA PHE A 55 -25.60 27.83 6.23
C PHE A 55 -27.02 27.27 6.38
N LEU A 56 -27.45 26.46 5.42
CA LEU A 56 -28.62 25.62 5.64
C LEU A 56 -28.16 24.24 6.12
N ASP A 57 -29.09 23.32 6.28
CA ASP A 57 -28.80 22.07 6.97
C ASP A 57 -29.56 20.94 6.28
N ILE A 58 -29.41 19.74 6.81
CA ILE A 58 -30.26 18.60 6.49
C ILE A 58 -30.98 18.20 7.77
N ASN A 59 -32.31 18.13 7.73
CA ASN A 59 -33.04 17.87 8.95
C ASN A 59 -33.25 16.36 9.16
N SER A 60 -33.98 16.01 10.23
CA SER A 60 -34.21 14.61 10.57
C SER A 60 -35.15 13.92 9.59
N ASN A 61 -35.93 14.69 8.83
CA ASN A 61 -36.65 14.11 7.71
C ASN A 61 -35.76 13.87 6.51
N LEU A 62 -34.46 14.17 6.63
CA LEU A 62 -33.48 13.92 5.57
C LEU A 62 -33.79 14.76 4.33
N GLU A 63 -34.21 16.00 4.57
CA GLU A 63 -34.39 16.98 3.53
C GLU A 63 -33.58 18.22 3.86
N CYS A 64 -33.18 18.93 2.81
CA CYS A 64 -32.57 20.23 2.98
C CYS A 64 -33.54 21.19 3.66
N ALA A 65 -33.05 21.95 4.64
CA ALA A 65 -33.95 22.77 5.44
C ALA A 65 -33.20 23.91 6.09
N TRP A 66 -33.92 25.00 6.36
CA TRP A 66 -33.42 26.05 7.22
C TRP A 66 -33.40 25.56 8.68
N ASP A 67 -32.52 26.17 9.48
CA ASP A 67 -32.58 26.06 10.92
C ASP A 67 -34.03 26.25 11.38
N PRO A 68 -34.59 25.31 12.15
CA PRO A 68 -36.00 25.43 12.55
C PRO A 68 -36.32 26.71 13.30
N ALA A 69 -35.34 27.35 13.94
CA ALA A 69 -35.60 28.61 14.64
C ALA A 69 -35.57 29.82 13.71
N THR A 70 -35.40 29.61 12.40
CA THR A 70 -35.34 30.73 11.47
C THR A 70 -36.73 31.31 11.24
N ASN A 71 -36.89 32.60 11.52
CA ASN A 71 -38.02 33.39 11.02
C ASN A 71 -38.00 33.39 9.50
N ASP A 72 -38.96 32.70 8.88
CA ASP A 72 -38.86 32.45 7.43
C ASP A 72 -39.03 33.72 6.60
N ALA A 73 -39.88 34.67 7.01
CA ALA A 73 -39.99 35.92 6.27
C ALA A 73 -38.70 36.73 6.37
N LYS A 74 -38.08 36.74 7.56
CA LYS A 74 -36.80 37.44 7.71
C LYS A 74 -35.73 36.80 6.84
N ALA A 75 -35.77 35.47 6.68
CA ALA A 75 -34.79 34.79 5.85
C ALA A 75 -34.96 35.16 4.38
N ARG A 76 -36.21 35.16 3.90
CA ARG A 76 -36.46 35.56 2.52
C ARG A 76 -35.99 36.98 2.25
N ASP A 77 -36.19 37.88 3.22
CA ASP A 77 -35.73 39.25 3.05
C ASP A 77 -34.21 39.33 2.91
N VAL A 78 -33.48 38.61 3.77
CA VAL A 78 -32.02 38.65 3.66
C VAL A 78 -31.59 38.09 2.31
N VAL A 79 -32.19 36.97 1.89
CA VAL A 79 -31.83 36.37 0.61
C VAL A 79 -32.17 37.33 -0.53
N ASN A 80 -33.33 37.99 -0.45
CA ASN A 80 -33.71 38.93 -1.51
C ASN A 80 -32.69 40.05 -1.65
N ARG A 81 -32.15 40.53 -0.54
CA ARG A 81 -31.12 41.55 -0.62
C ARG A 81 -29.90 41.05 -1.38
N LEU A 82 -29.56 39.76 -1.23
CA LEU A 82 -28.45 39.21 -2.01
C LEU A 82 -28.82 39.07 -3.48
N THR A 83 -29.97 38.45 -3.78
CA THR A 83 -30.27 38.25 -5.20
C THR A 83 -30.53 39.59 -5.89
N ALA A 84 -30.93 40.63 -5.15
CA ALA A 84 -31.06 41.95 -5.76
C ALA A 84 -29.73 42.43 -6.36
N LEU A 85 -28.60 41.99 -5.79
CA LEU A 85 -27.29 42.38 -6.30
C LEU A 85 -27.06 41.95 -7.74
N LYS A 86 -27.81 40.95 -8.20
CA LYS A 86 -27.65 40.49 -9.58
C LYS A 86 -27.99 41.58 -10.59
N ALA A 87 -28.79 42.58 -10.20
CA ALA A 87 -29.04 43.72 -11.09
C ALA A 87 -27.74 44.39 -11.55
N HIS A 88 -26.72 44.37 -10.69
CA HIS A 88 -25.46 45.04 -11.01
C HIS A 88 -24.43 44.14 -11.68
N ASN A 89 -24.71 42.84 -11.80
CA ASN A 89 -23.74 41.88 -12.33
C ASN A 89 -24.52 40.70 -12.89
N PRO A 90 -24.71 40.64 -14.21
CA PRO A 90 -25.51 39.55 -14.81
C PRO A 90 -24.87 38.19 -14.72
N SER A 91 -23.60 38.10 -14.33
CA SER A 91 -22.94 36.82 -14.12
C SER A 91 -23.05 36.33 -12.67
N LEU A 92 -23.41 37.19 -11.73
CA LEU A 92 -23.37 36.82 -10.32
C LEU A 92 -24.40 35.73 -10.00
N ARG A 93 -23.98 34.76 -9.18
CA ARG A 93 -24.88 33.71 -8.68
C ARG A 93 -24.90 33.75 -7.17
N ILE A 94 -26.10 33.63 -6.58
CA ILE A 94 -26.26 33.49 -5.15
C ILE A 94 -26.50 32.00 -4.91
N MET A 95 -25.44 31.30 -4.50
CA MET A 95 -25.56 29.92 -4.07
C MET A 95 -26.06 29.88 -2.63
N PHE A 96 -26.52 28.71 -2.21
CA PHE A 96 -26.69 28.47 -0.79
C PHE A 96 -25.92 27.21 -0.43
N SER A 97 -25.33 27.21 0.77
CA SER A 97 -24.46 26.17 1.25
C SER A 97 -25.18 25.35 2.31
N ILE A 98 -25.15 24.03 2.16
CA ILE A 98 -25.75 23.11 3.11
C ILE A 98 -24.64 22.51 3.95
N GLY A 99 -24.73 22.68 5.27
CA GLY A 99 -23.73 22.04 6.10
C GLY A 99 -22.87 23.00 6.89
N GLY A 100 -21.56 23.00 6.63
CA GLY A 100 -20.61 23.67 7.48
C GLY A 100 -20.11 22.77 8.58
N TRP A 101 -19.06 23.22 9.28
CA TRP A 101 -18.45 22.37 10.30
C TRP A 101 -19.45 22.02 11.41
N TYR A 102 -20.12 23.04 11.97
CA TYR A 102 -20.97 22.84 13.14
C TYR A 102 -22.08 21.83 12.87
N TYR A 103 -22.72 21.92 11.70
CA TYR A 103 -23.81 21.01 11.40
C TYR A 103 -23.32 19.62 11.02
N SER A 104 -22.21 19.51 10.29
CA SER A 104 -21.93 18.28 9.56
C SER A 104 -20.69 17.52 10.01
N ASN A 105 -19.88 18.06 10.93
CA ASN A 105 -18.73 17.28 11.37
C ASN A 105 -19.22 16.04 12.12
N ASP A 106 -18.31 15.05 12.27
CA ASP A 106 -18.70 13.74 12.82
C ASP A 106 -19.48 13.88 14.13
N LEU A 107 -19.08 14.83 14.96
CA LEU A 107 -19.67 15.07 16.27
C LEU A 107 -20.66 16.23 16.26
N GLY A 108 -21.03 16.75 15.09
CA GLY A 108 -21.98 17.84 15.00
C GLY A 108 -23.43 17.39 15.11
N VAL A 109 -24.30 18.37 15.34
CA VAL A 109 -25.68 18.06 15.70
C VAL A 109 -26.45 17.37 14.58
N SER A 110 -26.13 17.65 13.31
CA SER A 110 -26.93 17.11 12.22
C SER A 110 -26.25 15.98 11.44
N HIS A 111 -25.08 15.50 11.91
CA HIS A 111 -24.25 14.61 11.11
C HIS A 111 -25.00 13.38 10.64
N ALA A 112 -25.82 12.79 11.52
CA ALA A 112 -26.52 11.57 11.13
C ALA A 112 -27.45 11.81 9.96
N ASN A 113 -28.02 13.02 9.84
CA ASN A 113 -28.89 13.33 8.72
C ASN A 113 -28.14 13.31 7.38
N TYR A 114 -26.87 13.73 7.36
CA TYR A 114 -26.07 13.65 6.13
C TYR A 114 -25.83 12.20 5.75
N VAL A 115 -25.40 11.40 6.73
CA VAL A 115 -25.11 9.99 6.51
C VAL A 115 -26.35 9.26 6.00
N ASN A 116 -27.51 9.54 6.60
CA ASN A 116 -28.69 8.77 6.24
C ASN A 116 -29.37 9.29 4.99
N ALA A 117 -29.19 10.57 4.64
CA ALA A 117 -29.86 11.09 3.45
C ALA A 117 -29.33 10.44 2.18
N VAL A 118 -28.06 10.05 2.16
CA VAL A 118 -27.41 9.56 0.94
C VAL A 118 -27.42 8.04 0.86
N LYS A 119 -28.15 7.36 1.74
CA LYS A 119 -28.02 5.91 1.92
C LYS A 119 -28.65 5.11 0.77
N THR A 120 -29.88 5.47 0.36
CA THR A 120 -30.58 4.63 -0.61
C THR A 120 -31.01 5.45 -1.83
N PRO A 121 -31.50 4.82 -2.90
CA PRO A 121 -32.04 5.61 -4.01
C PRO A 121 -33.21 6.48 -3.60
N ALA A 122 -34.12 5.95 -2.78
CA ALA A 122 -35.25 6.76 -2.34
C ALA A 122 -34.80 7.95 -1.51
N SER A 123 -33.91 7.72 -0.53
CA SER A 123 -33.50 8.83 0.31
C SER A 123 -32.75 9.87 -0.52
N ARG A 124 -31.88 9.43 -1.43
CA ARG A 124 -31.14 10.37 -2.26
C ARG A 124 -32.08 11.18 -3.15
N ALA A 125 -33.11 10.54 -3.72
CA ALA A 125 -34.04 11.28 -4.55
C ALA A 125 -34.84 12.29 -3.73
N LYS A 126 -35.23 11.92 -2.51
CA LYS A 126 -35.94 12.87 -1.66
C LYS A 126 -35.04 14.04 -1.26
N PHE A 127 -33.79 13.76 -0.85
CA PHE A 127 -32.88 14.84 -0.48
C PHE A 127 -32.66 15.78 -1.66
N ALA A 128 -32.31 15.23 -2.81
CA ALA A 128 -32.04 16.04 -4.00
C ALA A 128 -33.24 16.90 -4.39
N GLN A 129 -34.44 16.31 -4.39
CA GLN A 129 -35.64 17.10 -4.69
C GLN A 129 -35.77 18.28 -3.74
N SER A 130 -35.47 18.06 -2.45
CA SER A 130 -35.59 19.14 -1.48
C SER A 130 -34.59 20.27 -1.78
N CYS A 131 -33.38 19.90 -2.22
CA CYS A 131 -32.38 20.92 -2.53
C CYS A 131 -32.86 21.86 -3.63
N VAL A 132 -33.46 21.30 -4.68
CA VAL A 132 -33.93 22.12 -5.80
C VAL A 132 -35.17 22.91 -5.40
N ARG A 133 -36.05 22.31 -4.60
CA ARG A 133 -37.22 23.03 -4.12
C ARG A 133 -36.80 24.25 -3.32
N ILE A 134 -35.86 24.07 -2.38
CA ILE A 134 -35.39 25.21 -1.60
C ILE A 134 -34.78 26.24 -2.53
N MET A 135 -33.99 25.78 -3.50
CA MET A 135 -33.35 26.69 -4.45
C MET A 135 -34.38 27.56 -5.17
N LYS A 136 -35.45 26.94 -5.67
CA LYS A 136 -36.44 27.70 -6.41
C LYS A 136 -37.31 28.53 -5.48
N ASP A 137 -37.65 28.00 -4.31
CA ASP A 137 -38.55 28.72 -3.40
C ASP A 137 -37.92 30.04 -2.96
N TYR A 138 -36.61 30.06 -2.73
CA TYR A 138 -35.97 31.22 -2.14
C TYR A 138 -35.23 32.08 -3.15
N GLY A 139 -35.04 31.62 -4.37
CA GLY A 139 -34.41 32.41 -5.40
C GLY A 139 -32.92 32.19 -5.57
N PHE A 140 -32.39 31.05 -5.14
CA PHE A 140 -30.97 30.80 -5.27
C PHE A 140 -30.64 30.34 -6.68
N ASP A 141 -29.36 30.41 -7.02
CA ASP A 141 -28.86 30.09 -8.34
C ASP A 141 -28.09 28.77 -8.38
N GLY A 142 -28.05 28.03 -7.28
CA GLY A 142 -27.35 26.77 -7.29
C GLY A 142 -27.17 26.29 -5.87
N VAL A 143 -26.51 25.14 -5.74
CA VAL A 143 -26.44 24.39 -4.49
C VAL A 143 -24.99 24.11 -4.16
N ASP A 144 -24.61 24.38 -2.92
CA ASP A 144 -23.26 24.06 -2.44
C ASP A 144 -23.38 23.14 -1.23
N ILE A 145 -22.68 22.01 -1.25
CA ILE A 145 -22.74 21.04 -0.14
C ILE A 145 -21.41 21.09 0.60
N ASP A 146 -21.46 21.41 1.89
CA ASP A 146 -20.27 21.48 2.73
C ASP A 146 -20.37 20.43 3.83
N TRP A 147 -20.26 19.16 3.46
CA TRP A 147 -20.22 18.08 4.44
C TRP A 147 -18.75 17.83 4.78
N GLU A 148 -18.41 17.98 6.06
CA GLU A 148 -17.03 17.95 6.53
C GLU A 148 -16.83 16.83 7.55
N TYR A 149 -16.62 15.58 7.09
CA TYR A 149 -16.50 15.16 5.68
C TYR A 149 -17.03 13.74 5.58
N PRO A 150 -17.58 13.35 4.44
CA PRO A 150 -18.04 11.96 4.29
C PRO A 150 -16.90 10.98 4.53
N GLN A 151 -17.21 9.88 5.19
CA GLN A 151 -16.26 8.81 5.44
C GLN A 151 -16.31 7.78 4.32
N ALA A 152 -15.30 6.90 4.30
CA ALA A 152 -15.04 6.10 3.11
C ALA A 152 -16.27 5.29 2.70
N ALA A 153 -17.01 4.76 3.68
CA ALA A 153 -18.18 3.92 3.34
C ALA A 153 -19.38 4.73 2.90
N GLU A 154 -19.40 6.04 3.17
CA GLU A 154 -20.47 6.95 2.78
C GLU A 154 -20.23 7.62 1.42
N VAL A 155 -19.02 7.52 0.87
CA VAL A 155 -18.66 8.31 -0.30
C VAL A 155 -19.50 7.91 -1.52
N ASP A 156 -19.73 6.60 -1.72
CA ASP A 156 -20.51 6.19 -2.89
C ASP A 156 -21.92 6.75 -2.84
N GLY A 157 -22.56 6.71 -1.67
CA GLY A 157 -23.88 7.33 -1.55
C GLY A 157 -23.83 8.83 -1.73
N PHE A 158 -22.80 9.47 -1.16
CA PHE A 158 -22.59 10.91 -1.38
C PHE A 158 -22.49 11.20 -2.88
N ILE A 159 -21.65 10.44 -3.58
CA ILE A 159 -21.48 10.64 -5.02
C ILE A 159 -22.81 10.51 -5.76
N ALA A 160 -23.58 9.46 -5.44
CA ALA A 160 -24.84 9.28 -6.13
C ALA A 160 -25.82 10.40 -5.81
N ALA A 161 -25.78 10.95 -4.58
CA ALA A 161 -26.67 12.06 -4.27
C ALA A 161 -26.29 13.31 -5.09
N LEU A 162 -24.99 13.55 -5.27
CA LEU A 162 -24.55 14.69 -6.08
C LEU A 162 -24.97 14.50 -7.54
N GLN A 163 -24.82 13.28 -8.06
CA GLN A 163 -25.31 13.01 -9.41
C GLN A 163 -26.80 13.27 -9.53
N GLU A 164 -27.56 12.92 -8.48
CA GLU A 164 -29.01 13.12 -8.54
C GLU A 164 -29.37 14.60 -8.50
N ILE A 165 -28.67 15.38 -7.67
CA ILE A 165 -28.89 16.83 -7.66
C ILE A 165 -28.57 17.39 -9.03
N ARG A 166 -27.48 16.92 -9.64
CA ARG A 166 -27.05 17.45 -10.93
C ARG A 166 -28.15 17.24 -11.99
N THR A 167 -28.75 16.04 -12.01
CA THR A 167 -29.81 15.77 -12.97
C THR A 167 -30.97 16.74 -12.79
N LEU A 168 -31.39 16.95 -11.54
CA LEU A 168 -32.51 17.85 -11.28
C LEU A 168 -32.18 19.30 -11.61
N LEU A 169 -30.94 19.72 -11.34
CA LEU A 169 -30.56 21.09 -11.67
C LEU A 169 -30.58 21.30 -13.18
N ASN A 170 -30.02 20.36 -13.93
CA ASN A 170 -29.95 20.52 -15.38
C ASN A 170 -31.34 20.58 -16.00
N GLN A 171 -32.27 19.80 -15.47
CA GLN A 171 -33.64 19.88 -15.97
C GLN A 171 -34.29 21.19 -15.58
N GLN A 172 -34.01 21.67 -14.37
CA GLN A 172 -34.56 22.95 -13.95
C GLN A 172 -34.01 24.09 -14.80
N THR A 173 -32.76 23.99 -15.21
CA THR A 173 -32.19 25.00 -16.10
C THR A 173 -33.01 25.10 -17.39
N ILE A 174 -33.31 23.95 -17.99
CA ILE A 174 -34.14 23.91 -19.19
C ILE A 174 -35.51 24.53 -18.91
N THR A 175 -36.17 24.04 -17.85
CA THR A 175 -37.52 24.48 -17.55
C THR A 175 -37.60 25.99 -17.38
N ASP A 176 -36.62 26.58 -16.73
CA ASP A 176 -36.67 28.00 -16.44
C ASP A 176 -36.08 28.85 -17.55
N GLY A 177 -35.62 28.24 -18.64
CA GLY A 177 -34.96 28.99 -19.69
C GLY A 177 -33.67 29.64 -19.24
N ARG A 178 -32.91 28.97 -18.38
CA ARG A 178 -31.72 29.52 -17.73
C ARG A 178 -30.43 29.09 -18.40
N GLN A 179 -30.48 28.73 -19.68
CA GLN A 179 -29.27 28.34 -20.41
C GLN A 179 -28.17 29.40 -20.32
N ALA A 180 -28.55 30.69 -20.21
CA ALA A 180 -27.55 31.75 -20.12
C ALA A 180 -26.82 31.76 -18.79
N LEU A 181 -27.46 31.27 -17.72
CA LEU A 181 -26.88 31.24 -16.38
C LEU A 181 -27.34 29.98 -15.69
N PRO A 182 -26.81 28.82 -16.10
CA PRO A 182 -27.36 27.54 -15.63
C PRO A 182 -27.15 27.36 -14.14
N TYR A 183 -28.07 26.62 -13.53
CA TYR A 183 -27.92 26.28 -12.12
C TYR A 183 -26.68 25.42 -11.92
N GLN A 184 -25.96 25.67 -10.82
CA GLN A 184 -24.68 25.05 -10.58
C GLN A 184 -24.68 24.24 -9.27
N LEU A 185 -23.71 23.34 -9.19
CA LEU A 185 -23.49 22.45 -8.06
C LEU A 185 -22.01 22.47 -7.69
N THR A 186 -21.72 22.77 -6.40
CA THR A 186 -20.36 22.80 -5.89
C THR A 186 -20.34 22.09 -4.54
N ILE A 187 -19.14 21.75 -4.08
CA ILE A 187 -18.91 21.30 -2.70
C ILE A 187 -17.67 21.97 -2.15
N ALA A 188 -17.62 22.09 -0.82
CA ALA A 188 -16.39 22.45 -0.13
C ALA A 188 -15.59 21.18 0.10
N GLY A 189 -14.31 21.20 -0.30
CA GLY A 189 -13.45 20.04 -0.14
C GLY A 189 -12.41 20.31 0.93
N ALA A 190 -11.95 19.25 1.59
CA ALA A 190 -10.88 19.41 2.55
C ALA A 190 -9.64 19.97 1.87
N GLY A 191 -8.94 20.88 2.55
CA GLY A 191 -7.70 21.45 2.10
C GLY A 191 -6.43 20.86 2.72
N GLY A 192 -6.56 19.84 3.57
CA GLY A 192 -5.41 19.17 4.15
C GLY A 192 -5.57 17.66 4.04
N ALA A 193 -4.43 16.97 4.05
CA ALA A 193 -4.43 15.54 3.71
C ALA A 193 -5.18 14.69 4.73
N PHE A 194 -5.27 15.12 5.98
CA PHE A 194 -5.87 14.27 7.01
C PHE A 194 -7.33 13.99 6.71
N PHE A 195 -8.13 15.04 6.50
CA PHE A 195 -9.52 14.80 6.11
C PHE A 195 -9.64 14.40 4.66
N LEU A 196 -8.75 14.91 3.78
CA LEU A 196 -8.78 14.49 2.38
C LEU A 196 -8.73 12.97 2.26
N SER A 197 -7.96 12.31 3.12
CA SER A 197 -7.75 10.88 3.00
C SER A 197 -9.04 10.08 3.12
N ARG A 198 -10.09 10.64 3.73
CA ARG A 198 -11.37 9.93 3.86
C ARG A 198 -11.95 9.58 2.50
N TYR A 199 -11.84 10.48 1.53
CA TYR A 199 -12.51 10.29 0.25
C TYR A 199 -11.57 10.41 -0.95
N TYR A 200 -10.27 10.60 -0.70
CA TYR A 200 -9.31 10.89 -1.77
C TYR A 200 -9.45 9.93 -2.93
N SER A 201 -9.52 8.62 -2.64
CA SER A 201 -9.53 7.62 -3.70
C SER A 201 -10.69 7.78 -4.68
N LYS A 202 -11.76 8.47 -4.30
CA LYS A 202 -12.91 8.63 -5.18
C LYS A 202 -13.10 10.08 -5.67
N LEU A 203 -12.02 10.87 -5.71
CA LEU A 203 -12.15 12.28 -6.12
C LEU A 203 -12.76 12.39 -7.50
N ALA A 204 -12.35 11.52 -8.43
CA ALA A 204 -12.86 11.63 -9.81
C ALA A 204 -14.38 11.53 -9.84
N GLN A 205 -14.95 10.53 -9.16
CA GLN A 205 -16.41 10.42 -9.24
C GLN A 205 -17.10 11.50 -8.41
N ILE A 206 -16.42 12.02 -7.38
CA ILE A 206 -17.01 13.13 -6.63
C ILE A 206 -17.08 14.39 -7.48
N VAL A 207 -16.03 14.67 -8.23
CA VAL A 207 -15.95 15.95 -8.95
C VAL A 207 -16.74 15.93 -10.27
N ALA A 208 -16.99 14.75 -10.83
CA ALA A 208 -17.70 14.67 -12.11
C ALA A 208 -19.00 15.47 -12.14
N PRO A 209 -19.90 15.38 -11.16
CA PRO A 209 -21.15 16.14 -11.26
C PRO A 209 -21.04 17.60 -10.84
N LEU A 210 -19.87 18.06 -10.42
CA LEU A 210 -19.71 19.41 -9.90
C LEU A 210 -19.25 20.38 -10.99
N ASP A 211 -19.68 21.64 -10.84
CA ASP A 211 -18.99 22.73 -11.52
C ASP A 211 -17.64 23.03 -10.87
N TYR A 212 -17.58 23.03 -9.53
CA TYR A 212 -16.35 23.35 -8.80
C TYR A 212 -16.28 22.52 -7.53
N ILE A 213 -15.06 22.20 -7.11
CA ILE A 213 -14.79 21.82 -5.73
C ILE A 213 -13.95 22.92 -5.10
N ASN A 214 -14.47 23.54 -4.04
CA ASN A 214 -13.80 24.67 -3.39
C ASN A 214 -12.96 24.13 -2.24
N LEU A 215 -11.63 24.17 -2.40
CA LEU A 215 -10.74 23.60 -1.40
C LEU A 215 -10.58 24.55 -0.22
N MET A 216 -10.70 24.02 1.00
CA MET A 216 -10.53 24.85 2.19
C MET A 216 -9.06 24.89 2.58
N THR A 217 -8.28 25.55 1.73
CA THR A 217 -6.83 25.64 1.89
C THR A 217 -6.46 26.77 2.87
N TYR A 218 -7.00 26.64 4.07
CA TYR A 218 -6.67 27.53 5.18
C TYR A 218 -6.92 26.74 6.46
N ASP A 219 -6.71 27.38 7.61
CA ASP A 219 -6.68 26.66 8.88
C ASP A 219 -5.68 25.50 8.83
N LEU A 220 -4.65 25.62 7.98
CA LEU A 220 -3.58 24.62 7.91
C LEU A 220 -2.59 24.75 9.06
N ALA A 221 -2.83 25.69 9.97
CA ALA A 221 -2.07 25.88 11.20
C ALA A 221 -3.03 26.50 12.22
N GLY A 222 -2.70 26.33 13.49
CA GLY A 222 -3.53 26.85 14.54
C GLY A 222 -3.02 26.49 15.92
N PRO A 223 -3.64 27.08 16.95
CA PRO A 223 -3.22 26.81 18.34
C PRO A 223 -3.23 25.33 18.71
N TRP A 224 -4.02 24.52 18.01
CA TRP A 224 -4.06 23.09 18.31
C TRP A 224 -2.76 22.37 17.96
N GLU A 225 -1.84 23.00 17.24
CA GLU A 225 -0.56 22.39 16.92
C GLU A 225 0.52 22.91 17.87
N LYS A 226 1.59 22.11 18.02
CA LYS A 226 2.56 22.38 19.06
C LYS A 226 3.47 23.56 18.75
N VAL A 227 3.43 24.05 17.52
CA VAL A 227 4.40 25.03 17.04
C VAL A 227 3.70 25.99 16.08
N THR A 228 4.01 27.27 16.22
CA THR A 228 3.40 28.29 15.37
C THR A 228 3.75 28.07 13.90
N ASN A 229 2.84 28.46 13.02
CA ASN A 229 3.01 28.19 11.61
C ASN A 229 2.00 29.01 10.83
N HIS A 230 2.26 29.16 9.54
CA HIS A 230 1.37 29.87 8.65
C HIS A 230 0.14 29.02 8.33
N GLN A 231 -1.05 29.62 8.43
CA GLN A 231 -2.28 28.87 8.21
C GLN A 231 -2.63 28.68 6.74
N ALA A 232 -1.93 29.33 5.82
CA ALA A 232 -2.26 29.24 4.41
C ALA A 232 -1.03 29.51 3.56
N ALA A 233 0.10 28.88 3.92
CA ALA A 233 1.31 28.99 3.13
C ALA A 233 1.08 28.49 1.71
N LEU A 234 1.50 29.29 0.71
CA LEU A 234 1.42 28.83 -0.67
C LEU A 234 2.41 27.69 -0.91
N PHE A 235 3.67 27.92 -0.60
CA PHE A 235 4.71 26.93 -0.72
C PHE A 235 5.31 26.66 0.65
N GLY A 236 6.14 25.62 0.73
CA GLY A 236 6.69 25.21 2.01
C GLY A 236 7.99 25.92 2.34
N ASP A 237 8.24 26.04 3.65
CA ASP A 237 9.47 26.58 4.22
C ASP A 237 10.19 25.45 4.94
N ALA A 238 11.41 25.12 4.48
CA ALA A 238 12.19 24.05 5.10
C ALA A 238 12.40 24.27 6.60
N ALA A 239 12.45 25.53 7.04
CA ALA A 239 12.56 25.81 8.46
C ALA A 239 11.28 25.49 9.23
N GLY A 240 10.16 25.32 8.52
CA GLY A 240 8.90 25.12 9.18
C GLY A 240 8.62 23.67 9.57
N PRO A 241 7.58 23.47 10.37
CA PRO A 241 7.17 22.11 10.71
C PRO A 241 6.71 21.35 9.49
N THR A 242 6.80 20.03 9.57
CA THR A 242 6.26 19.14 8.55
C THR A 242 5.30 18.17 9.21
N PHE A 243 4.54 17.46 8.38
CA PHE A 243 3.39 16.69 8.85
C PHE A 243 3.37 15.32 8.22
N TYR A 244 2.70 14.39 8.90
CA TYR A 244 2.43 13.06 8.36
C TYR A 244 1.55 13.15 7.12
N ASN A 245 1.98 12.52 6.02
CA ASN A 245 1.18 12.53 4.79
C ASN A 245 0.15 11.42 4.84
N ALA A 246 -1.04 11.75 5.38
CA ALA A 246 -2.10 10.78 5.59
C ALA A 246 -2.58 10.12 4.31
N LEU A 247 -2.34 10.72 3.14
CA LEU A 247 -2.82 10.11 1.91
C LEU A 247 -2.17 8.75 1.66
N ARG A 248 -0.97 8.53 2.20
CA ARG A 248 -0.33 7.24 2.03
C ARG A 248 -1.11 6.13 2.71
N GLU A 249 -2.05 6.46 3.57
CA GLU A 249 -2.88 5.48 4.24
C GLU A 249 -4.27 5.38 3.63
N ALA A 250 -4.56 6.11 2.56
CA ALA A 250 -5.86 6.04 1.92
C ALA A 250 -6.01 4.70 1.19
N ASN A 251 -7.27 4.30 0.98
CA ASN A 251 -7.56 3.00 0.39
C ASN A 251 -7.51 3.11 -1.13
N LEU A 252 -6.28 3.19 -1.64
CA LEU A 252 -6.01 3.35 -3.06
C LEU A 252 -5.65 2.06 -3.76
N GLY A 253 -5.08 1.10 -3.04
CA GLY A 253 -4.63 -0.15 -3.64
C GLY A 253 -3.34 -0.03 -4.43
N TRP A 254 -2.46 0.89 -4.06
CA TRP A 254 -1.21 1.08 -4.77
C TRP A 254 -0.08 0.33 -4.06
N SER A 255 0.98 0.05 -4.82
CA SER A 255 2.15 -0.60 -4.25
C SER A 255 2.93 0.35 -3.34
N TRP A 256 3.90 -0.21 -2.60
CA TRP A 256 4.75 0.62 -1.74
C TRP A 256 5.48 1.69 -2.54
N GLU A 257 6.04 1.31 -3.70
CA GLU A 257 6.75 2.30 -4.52
C GLU A 257 5.79 3.40 -5.00
N GLU A 258 4.55 3.03 -5.32
CA GLU A 258 3.61 4.01 -5.85
C GLU A 258 3.14 4.98 -4.77
N LEU A 259 2.83 4.45 -3.58
CA LEU A 259 2.46 5.32 -2.47
C LEU A 259 3.61 6.25 -2.09
N THR A 260 4.82 5.71 -2.07
CA THR A 260 5.95 6.49 -1.61
C THR A 260 6.25 7.64 -2.55
N ARG A 261 6.12 7.41 -3.86
CA ARG A 261 6.40 8.48 -4.81
C ARG A 261 5.25 9.49 -4.92
N ALA A 262 4.03 9.09 -4.59
CA ALA A 262 2.94 10.03 -4.64
C ALA A 262 2.84 10.86 -3.36
N PHE A 263 3.26 10.29 -2.23
CA PHE A 263 2.99 10.86 -0.92
C PHE A 263 4.25 10.93 -0.07
N PRO A 264 5.18 11.83 -0.41
CA PRO A 264 6.34 12.04 0.47
C PRO A 264 5.91 12.42 1.86
N SER A 265 6.68 11.95 2.85
CA SER A 265 6.27 12.12 4.22
C SER A 265 7.53 12.10 5.07
N PRO A 266 7.70 13.05 6.01
CA PRO A 266 6.75 14.15 6.25
C PRO A 266 6.79 15.21 5.14
N PHE A 267 5.78 16.08 5.09
CA PHE A 267 5.70 17.06 4.01
C PHE A 267 5.21 18.39 4.56
N SER A 268 5.34 19.43 3.73
CA SER A 268 4.89 20.77 4.09
C SER A 268 3.42 20.92 3.76
N LEU A 269 2.63 21.24 4.76
CA LEU A 269 1.18 21.32 4.64
C LEU A 269 0.84 22.68 4.06
N THR A 270 0.65 22.75 2.75
CA THR A 270 0.54 24.04 2.08
C THR A 270 -0.65 24.03 1.13
N VAL A 271 -0.98 25.23 0.63
CA VAL A 271 -1.98 25.34 -0.41
C VAL A 271 -1.53 24.59 -1.66
N ASP A 272 -0.26 24.72 -2.03
CA ASP A 272 0.26 24.04 -3.21
C ASP A 272 0.15 22.53 -3.08
N ALA A 273 0.42 22.02 -1.88
CA ALA A 273 0.29 20.58 -1.62
C ALA A 273 -1.12 20.10 -1.88
N ALA A 274 -2.11 20.79 -1.32
CA ALA A 274 -3.49 20.37 -1.50
C ALA A 274 -3.88 20.37 -2.97
N VAL A 275 -3.48 21.41 -3.71
CA VAL A 275 -3.86 21.49 -5.12
C VAL A 275 -3.20 20.37 -5.92
N GLN A 276 -1.89 20.16 -5.71
CA GLN A 276 -1.20 19.13 -6.50
C GLN A 276 -1.68 17.74 -6.10
N GLN A 277 -2.02 17.54 -4.82
CA GLN A 277 -2.59 16.25 -4.42
C GLN A 277 -3.87 15.93 -5.19
N HIS A 278 -4.72 16.95 -5.42
CA HIS A 278 -5.92 16.72 -6.20
C HIS A 278 -5.59 16.42 -7.67
N LEU A 279 -4.61 17.14 -8.22
CA LEU A 279 -4.26 16.97 -9.62
C LEU A 279 -3.53 15.66 -9.88
N MET A 280 -3.01 15.00 -8.84
CA MET A 280 -2.37 13.70 -9.00
C MET A 280 -3.35 12.61 -9.39
N MET A 281 -4.64 12.82 -9.16
CA MET A 281 -5.64 11.79 -9.40
C MET A 281 -6.23 11.94 -10.80
N GLU A 282 -6.22 10.85 -11.55
CA GLU A 282 -6.83 10.84 -12.87
C GLU A 282 -8.28 11.28 -12.79
N GLY A 283 -8.73 12.01 -13.80
CA GLY A 283 -10.10 12.46 -13.88
C GLY A 283 -10.46 13.68 -13.05
N VAL A 284 -9.48 14.40 -12.51
CA VAL A 284 -9.77 15.63 -11.78
C VAL A 284 -9.24 16.81 -12.57
N PRO A 285 -10.09 17.54 -13.29
CA PRO A 285 -9.58 18.61 -14.16
C PRO A 285 -9.26 19.85 -13.34
N SER A 286 -8.16 20.50 -13.70
CA SER A 286 -7.74 21.65 -12.91
C SER A 286 -8.79 22.74 -12.94
N ALA A 287 -9.59 22.81 -14.00
CA ALA A 287 -10.55 23.89 -14.13
C ALA A 287 -11.66 23.81 -13.10
N LYS A 288 -11.84 22.67 -12.45
CA LYS A 288 -12.87 22.60 -11.42
C LYS A 288 -12.33 22.90 -10.03
N ILE A 289 -11.01 22.98 -9.88
CA ILE A 289 -10.40 23.20 -8.58
C ILE A 289 -10.42 24.68 -8.28
N VAL A 290 -10.98 25.04 -7.12
CA VAL A 290 -11.03 26.42 -6.66
C VAL A 290 -10.24 26.50 -5.36
N MET A 291 -9.33 27.45 -5.27
CA MET A 291 -8.47 27.60 -4.11
C MET A 291 -9.14 28.49 -3.07
N GLY A 292 -9.34 27.98 -1.85
CA GLY A 292 -9.86 28.80 -0.77
C GLY A 292 -8.77 29.67 -0.15
N VAL A 293 -9.15 30.87 0.24
CA VAL A 293 -8.24 31.74 1.00
C VAL A 293 -8.98 32.32 2.20
N PRO A 294 -8.28 32.62 3.31
CA PRO A 294 -8.95 33.19 4.48
C PRO A 294 -8.90 34.71 4.44
N PHE A 295 -10.01 35.32 4.84
CA PHE A 295 -10.06 36.75 5.13
C PHE A 295 -9.85 37.04 6.61
N TYR A 296 -9.19 36.13 7.33
CA TYR A 296 -9.01 36.25 8.76
C TYR A 296 -7.63 35.74 9.12
N GLY A 297 -7.19 36.13 10.31
CA GLY A 297 -5.95 35.62 10.89
C GLY A 297 -6.15 34.77 12.13
N ARG A 298 -5.12 34.00 12.48
CA ARG A 298 -5.10 33.21 13.71
C ARG A 298 -3.92 33.67 14.57
N ALA A 299 -4.18 33.89 15.84
CA ALA A 299 -3.18 34.45 16.76
C ALA A 299 -2.70 33.41 17.76
N PHE A 300 -1.41 33.50 18.10
CA PHE A 300 -0.79 32.67 19.12
C PHE A 300 -0.30 33.57 20.25
N LYS A 301 -0.54 33.14 21.50
CA LYS A 301 -0.15 33.87 22.71
C LYS A 301 0.98 33.14 23.40
N GLY A 302 2.15 33.77 23.48
CA GLY A 302 3.26 33.21 24.23
C GLY A 302 4.42 32.71 23.41
N VAL A 303 4.62 33.27 22.21
CA VAL A 303 5.69 32.77 21.36
C VAL A 303 7.03 33.24 21.90
N SER A 304 8.05 32.39 21.73
CA SER A 304 9.40 32.84 22.00
C SER A 304 9.84 33.80 20.89
N GLY A 305 11.03 34.38 21.08
CA GLY A 305 11.64 35.21 20.06
C GLY A 305 12.40 34.37 19.06
N GLY A 306 13.14 35.06 18.20
CA GLY A 306 13.97 34.35 17.25
C GLY A 306 13.78 34.79 15.81
N ASN A 307 12.64 34.45 15.22
CA ASN A 307 12.32 34.89 13.85
C ASN A 307 10.82 35.17 13.78
N GLY A 308 10.45 36.39 14.19
CA GLY A 308 9.08 36.86 14.08
C GLY A 308 8.04 36.03 14.80
N GLY A 309 8.49 35.13 15.67
CA GLY A 309 7.58 34.18 16.30
C GLY A 309 7.20 33.01 15.42
N GLN A 310 7.77 32.90 14.22
CA GLN A 310 7.52 31.74 13.37
C GLN A 310 8.07 30.48 14.02
N TYR A 311 7.27 29.41 14.02
CA TYR A 311 7.77 28.07 14.33
C TYR A 311 8.35 27.97 15.74
N SER A 312 7.61 28.48 16.72
CA SER A 312 8.05 28.39 18.10
C SER A 312 6.90 27.85 18.97
N SER A 313 7.22 27.62 20.24
CA SER A 313 6.23 27.15 21.20
C SER A 313 5.28 28.27 21.55
N HIS A 314 4.18 27.92 22.22
CA HIS A 314 3.15 28.90 22.50
C HIS A 314 2.32 28.43 23.68
N SER A 315 1.46 29.33 24.16
CA SER A 315 0.61 29.12 25.31
C SER A 315 -0.86 29.33 24.95
N THR A 316 -1.20 29.12 23.69
CA THR A 316 -2.55 29.37 23.23
C THR A 316 -3.42 28.15 23.51
N PRO A 317 -4.53 28.29 24.24
CA PRO A 317 -5.51 27.20 24.33
C PRO A 317 -6.00 26.77 22.95
N GLY A 318 -6.42 25.51 22.87
CA GLY A 318 -6.94 24.96 21.63
C GLY A 318 -8.34 24.38 21.73
N GLU A 319 -9.06 24.73 22.79
CA GLU A 319 -10.44 24.28 23.02
C GLU A 319 -11.44 25.26 22.41
N ASP A 320 -12.62 24.75 22.01
CA ASP A 320 -13.73 25.54 21.45
C ASP A 320 -15.02 24.94 22.05
N PRO A 321 -15.82 25.74 22.80
CA PRO A 321 -15.60 27.20 22.94
C PRO A 321 -14.39 27.62 23.75
N TYR A 322 -13.97 28.85 23.49
CA TYR A 322 -12.86 29.42 24.21
C TYR A 322 -13.16 29.33 25.69
N PRO A 323 -12.34 28.62 26.47
CA PRO A 323 -12.78 28.17 27.80
C PRO A 323 -12.52 29.19 28.89
N SER A 324 -11.87 30.30 28.55
CA SER A 324 -11.16 31.11 29.52
C SER A 324 -11.55 32.57 29.28
N THR A 325 -10.69 33.49 29.74
CA THR A 325 -11.11 34.88 29.78
C THR A 325 -9.97 35.86 29.55
N ASP A 326 -8.72 35.39 29.60
CA ASP A 326 -7.62 36.28 29.23
C ASP A 326 -7.80 36.70 27.77
N TYR A 327 -8.38 37.88 27.53
CA TYR A 327 -8.59 38.39 26.17
C TYR A 327 -7.35 39.19 25.80
N TRP A 328 -6.37 38.51 25.21
CA TRP A 328 -4.99 38.97 25.19
C TRP A 328 -4.50 39.46 23.83
N LEU A 329 -5.39 39.60 22.86
CA LEU A 329 -5.00 40.10 21.54
C LEU A 329 -5.31 41.58 21.53
N VAL A 330 -4.31 42.40 21.84
CA VAL A 330 -4.59 43.78 22.20
C VAL A 330 -4.69 44.63 20.94
N GLY A 331 -5.60 45.59 20.97
CA GLY A 331 -6.02 46.28 19.77
C GLY A 331 -7.27 45.64 19.21
N CYS A 332 -7.38 44.32 19.36
CA CYS A 332 -8.48 43.57 18.77
C CYS A 332 -9.71 43.71 19.65
N GLU A 333 -10.63 44.60 19.26
CA GLU A 333 -11.83 44.81 20.04
C GLU A 333 -12.92 43.80 19.71
N GLU A 334 -12.98 43.31 18.47
CA GLU A 334 -13.93 42.25 18.15
C GLU A 334 -13.60 40.96 18.89
N CYS A 335 -12.37 40.83 19.38
CA CYS A 335 -12.01 39.71 20.24
C CYS A 335 -12.80 39.71 21.55
N VAL A 336 -13.14 40.90 22.06
CA VAL A 336 -13.99 40.98 23.24
C VAL A 336 -15.45 40.73 22.86
N ARG A 337 -15.93 41.40 21.81
CA ARG A 337 -17.32 41.22 21.37
C ARG A 337 -17.63 39.75 21.11
N ASP A 338 -16.66 39.02 20.54
CA ASP A 338 -16.84 37.61 20.24
C ASP A 338 -16.12 36.71 21.22
N LYS A 339 -15.44 37.29 22.22
CA LYS A 339 -14.97 36.54 23.38
C LYS A 339 -14.02 35.41 23.01
N ASP A 340 -13.12 35.68 22.05
CA ASP A 340 -12.07 34.74 21.64
C ASP A 340 -10.90 35.51 21.04
N PRO A 341 -9.70 35.38 21.61
CA PRO A 341 -8.54 36.16 21.12
C PRO A 341 -7.70 35.48 20.05
N ARG A 342 -8.08 34.31 19.55
CA ARG A 342 -7.24 33.56 18.63
C ARG A 342 -7.61 33.77 17.18
N ILE A 343 -8.67 34.52 16.90
CA ILE A 343 -9.18 34.76 15.55
C ILE A 343 -9.45 36.24 15.39
N ALA A 344 -8.93 36.82 14.32
CA ALA A 344 -9.21 38.22 14.03
C ALA A 344 -9.42 38.41 12.55
N SER A 345 -10.46 39.14 12.20
CA SER A 345 -10.75 39.43 10.80
C SER A 345 -9.64 40.29 10.22
N TYR A 346 -9.52 40.24 8.89
CA TYR A 346 -8.57 41.13 8.22
C TYR A 346 -8.88 42.58 8.55
N ARG A 347 -10.16 42.94 8.58
CA ARG A 347 -10.55 44.31 8.91
C ARG A 347 -9.93 44.74 10.24
N GLN A 348 -10.06 43.88 11.26
CA GLN A 348 -9.53 44.18 12.57
C GLN A 348 -8.00 44.18 12.58
N LEU A 349 -7.38 43.18 11.94
CA LEU A 349 -5.92 43.16 11.85
C LEU A 349 -5.40 44.44 11.24
N GLU A 350 -6.14 45.01 10.30
CA GLU A 350 -5.70 46.25 9.68
C GLU A 350 -5.77 47.41 10.67
N GLN A 351 -6.85 47.50 11.45
CA GLN A 351 -6.96 48.55 12.45
C GLN A 351 -5.97 48.37 13.60
N MET A 352 -5.51 47.14 13.84
CA MET A 352 -4.45 46.92 14.82
C MET A 352 -3.12 47.48 14.30
N LEU A 353 -2.82 47.24 13.01
CA LEU A 353 -1.61 47.80 12.42
C LEU A 353 -1.65 49.32 12.32
N GLN A 354 -2.84 49.93 12.39
CA GLN A 354 -2.96 51.38 12.30
C GLN A 354 -2.82 52.08 13.64
N GLY A 355 -2.98 51.37 14.76
CA GLY A 355 -3.25 52.04 16.01
C GLY A 355 -2.21 51.97 17.11
N ASN A 356 -0.93 51.83 16.75
CA ASN A 356 0.16 51.95 17.71
C ASN A 356 -0.03 50.96 18.87
N TYR A 357 -0.01 49.67 18.51
CA TYR A 357 -0.12 48.60 19.49
C TYR A 357 1.12 47.73 19.53
N GLY A 358 2.17 48.09 18.77
CA GLY A 358 3.42 47.37 18.82
C GLY A 358 3.53 46.20 17.87
N TYR A 359 2.52 45.94 17.05
CA TYR A 359 2.58 44.86 16.08
C TYR A 359 3.51 45.24 14.94
N GLN A 360 4.31 44.27 14.50
CA GLN A 360 5.16 44.43 13.34
C GLN A 360 4.70 43.48 12.24
N ARG A 361 4.55 44.00 11.01
CA ARG A 361 4.17 43.17 9.87
C ARG A 361 5.42 42.70 9.15
N LEU A 362 5.57 41.38 9.05
CA LEU A 362 6.71 40.77 8.39
C LEU A 362 6.23 39.89 7.24
N TRP A 363 7.20 39.38 6.48
CA TRP A 363 6.92 38.65 5.24
C TRP A 363 7.84 37.44 5.17
N ASN A 364 7.26 36.28 4.83
CA ASN A 364 8.03 35.07 4.58
C ASN A 364 8.04 34.85 3.07
N ASP A 365 9.20 35.01 2.46
CA ASP A 365 9.31 34.92 1.01
C ASP A 365 9.44 33.50 0.49
N LYS A 366 9.36 32.49 1.37
CA LYS A 366 9.20 31.12 0.90
C LYS A 366 7.73 30.76 0.75
N THR A 367 6.97 30.96 1.83
CA THR A 367 5.53 30.69 1.84
C THR A 367 4.74 31.74 1.09
N LYS A 368 5.35 32.91 0.84
CA LYS A 368 4.68 34.05 0.21
C LYS A 368 3.44 34.48 0.99
N THR A 369 3.58 34.58 2.31
CA THR A 369 2.49 35.03 3.15
C THR A 369 3.00 36.03 4.17
N PRO A 370 2.14 36.91 4.68
CA PRO A 370 2.53 37.83 5.74
C PRO A 370 2.21 37.26 7.13
N TYR A 371 2.84 37.86 8.13
CA TYR A 371 2.54 37.53 9.51
C TYR A 371 2.89 38.74 10.38
N LEU A 372 2.20 38.84 11.51
CA LEU A 372 2.47 39.88 12.50
C LEU A 372 3.28 39.29 13.64
N TYR A 373 4.25 40.05 14.13
CA TYR A 373 4.97 39.70 15.35
C TYR A 373 4.90 40.84 16.35
N HIS A 374 4.64 40.51 17.60
CA HIS A 374 4.63 41.46 18.70
C HIS A 374 5.76 41.08 19.66
N ALA A 375 6.74 41.97 19.82
CA ALA A 375 7.93 41.64 20.59
C ALA A 375 7.67 41.60 22.09
N GLN A 376 6.81 42.48 22.60
CA GLN A 376 6.62 42.59 24.05
C GLN A 376 5.71 41.49 24.59
N ASN A 377 4.47 41.43 24.13
CA ASN A 377 3.55 40.40 24.61
C ASN A 377 3.83 39.02 24.02
N GLU A 378 4.85 38.89 23.16
CA GLU A 378 5.20 37.63 22.54
C GLU A 378 4.12 37.04 21.66
N LEU A 379 3.68 37.78 20.65
CA LEU A 379 2.51 37.41 19.86
C LEU A 379 2.87 37.15 18.40
N PHE A 380 2.13 36.22 17.79
CA PHE A 380 2.30 35.83 16.40
C PHE A 380 0.93 35.70 15.76
N VAL A 381 0.76 36.29 14.57
CA VAL A 381 -0.50 36.23 13.85
C VAL A 381 -0.20 35.82 12.42
N THR A 382 -0.82 34.74 11.95
CA THR A 382 -0.72 34.34 10.54
C THR A 382 -2.02 34.70 9.84
N TYR A 383 -1.89 35.37 8.68
CA TYR A 383 -3.05 35.83 7.93
C TYR A 383 -2.64 36.01 6.47
N ASP A 384 -3.61 36.39 5.64
CA ASP A 384 -3.39 36.70 4.24
C ASP A 384 -3.79 38.15 3.95
N ASP A 385 -3.18 38.74 2.92
CA ASP A 385 -3.47 40.13 2.56
C ASP A 385 -3.35 40.26 1.05
N ALA A 386 -3.48 41.51 0.55
CA ALA A 386 -3.45 41.73 -0.90
C ALA A 386 -2.12 41.33 -1.53
N GLU A 387 -1.03 41.32 -0.76
CA GLU A 387 0.26 40.90 -1.31
C GLU A 387 0.34 39.39 -1.45
N SER A 388 -0.06 38.64 -0.42
CA SER A 388 -0.06 37.19 -0.58
C SER A 388 -1.03 36.76 -1.68
N PHE A 389 -2.11 37.53 -1.90
CA PHE A 389 -3.07 37.14 -2.93
C PHE A 389 -2.48 37.28 -4.33
N LYS A 390 -1.45 38.11 -4.52
CA LYS A 390 -0.80 38.19 -5.83
C LYS A 390 -0.21 36.84 -6.22
N TYR A 391 0.48 36.20 -5.29
CA TYR A 391 1.13 34.92 -5.63
C TYR A 391 0.10 33.82 -5.80
N LYS A 392 -0.93 33.83 -4.94
CA LYS A 392 -2.00 32.83 -5.07
C LYS A 392 -2.81 33.03 -6.34
N ALA A 393 -3.05 34.29 -6.75
CA ALA A 393 -3.74 34.52 -8.01
C ALA A 393 -2.89 34.07 -9.19
N LYS A 394 -1.58 34.32 -9.14
CA LYS A 394 -0.73 33.88 -10.23
C LYS A 394 -0.68 32.35 -10.27
N TYR A 395 -0.62 31.72 -9.11
CA TYR A 395 -0.66 30.26 -9.05
C TYR A 395 -1.95 29.73 -9.67
N ILE A 396 -3.07 30.40 -9.41
CA ILE A 396 -4.34 29.99 -9.99
C ILE A 396 -4.27 30.04 -11.51
N LYS A 397 -3.67 31.11 -12.04
CA LYS A 397 -3.57 31.26 -13.49
C LYS A 397 -2.61 30.24 -14.08
N GLN A 398 -1.42 30.10 -13.47
CA GLN A 398 -0.39 29.19 -13.98
C GLN A 398 -0.86 27.73 -13.94
N GLN A 399 -1.57 27.36 -12.87
CA GLN A 399 -2.02 25.98 -12.73
C GLN A 399 -3.38 25.75 -13.37
N GLN A 400 -3.96 26.77 -13.99
CA GLN A 400 -5.24 26.67 -14.70
C GLN A 400 -6.35 26.15 -13.78
N LEU A 401 -6.41 26.71 -12.58
CA LEU A 401 -7.47 26.40 -11.64
C LEU A 401 -8.70 27.23 -11.98
N GLY A 402 -9.84 26.83 -11.39
CA GLY A 402 -11.10 27.46 -11.71
C GLY A 402 -11.29 28.84 -11.11
N GLY A 403 -10.60 29.13 -10.03
CA GLY A 403 -10.71 30.44 -9.44
C GLY A 403 -10.37 30.38 -7.95
N VAL A 404 -10.99 31.30 -7.21
CA VAL A 404 -10.69 31.48 -5.80
C VAL A 404 -11.99 31.53 -5.02
N MET A 405 -11.94 31.04 -3.79
CA MET A 405 -13.06 31.11 -2.85
C MET A 405 -12.52 31.70 -1.56
N PHE A 406 -13.36 32.43 -0.82
CA PHE A 406 -12.87 32.94 0.45
C PHE A 406 -13.94 32.90 1.53
N TRP A 407 -13.46 32.79 2.75
CA TRP A 407 -14.26 32.80 3.97
C TRP A 407 -13.74 33.94 4.85
N HIS A 408 -14.55 34.97 5.08
CA HIS A 408 -15.83 35.20 4.42
C HIS A 408 -16.00 36.71 4.21
N LEU A 409 -17.09 37.10 3.55
CA LEU A 409 -17.27 38.47 3.11
C LEU A 409 -17.24 39.46 4.27
N GLY A 410 -17.77 39.07 5.44
CA GLY A 410 -17.85 40.01 6.55
C GLY A 410 -16.51 40.36 7.16
N GLN A 411 -15.45 39.71 6.74
CA GLN A 411 -14.16 39.91 7.36
C GLN A 411 -13.26 40.85 6.55
N ASP A 412 -13.63 41.18 5.30
CA ASP A 412 -12.91 42.18 4.52
C ASP A 412 -13.00 43.55 5.22
N ASN A 413 -12.14 44.49 4.81
CA ASN A 413 -12.30 45.81 5.40
C ASN A 413 -13.48 46.53 4.75
N ARG A 414 -13.84 47.70 5.30
CA ARG A 414 -15.05 48.38 4.85
C ARG A 414 -14.97 48.77 3.39
N ASN A 415 -13.76 49.05 2.89
CA ASN A 415 -13.60 49.34 1.47
C ASN A 415 -13.58 48.09 0.60
N GLY A 416 -13.49 46.90 1.20
CA GLY A 416 -13.49 45.66 0.43
C GLY A 416 -12.20 45.43 -0.34
N ASP A 417 -11.06 45.79 0.27
CA ASP A 417 -9.78 45.77 -0.45
C ASP A 417 -9.38 44.34 -0.84
N LEU A 418 -9.65 43.36 0.01
CA LEU A 418 -9.22 41.99 -0.31
C LEU A 418 -9.96 41.46 -1.52
N LEU A 419 -11.28 41.60 -1.55
CA LEU A 419 -12.06 41.21 -2.73
C LEU A 419 -11.63 42.02 -3.95
N ALA A 420 -11.41 43.32 -3.79
CA ALA A 420 -11.00 44.12 -4.94
C ALA A 420 -9.64 43.65 -5.46
N SER A 421 -8.73 43.25 -4.57
CA SER A 421 -7.42 42.77 -5.03
C SER A 421 -7.55 41.49 -5.85
N LEU A 422 -8.40 40.56 -5.40
CA LEU A 422 -8.59 39.32 -6.17
C LEU A 422 -9.16 39.61 -7.54
N ASP A 423 -10.19 40.44 -7.60
CA ASP A 423 -10.74 40.81 -8.88
C ASP A 423 -9.69 41.46 -9.76
N ARG A 424 -8.87 42.34 -9.18
CA ARG A 424 -7.85 43.04 -9.97
C ARG A 424 -6.88 42.04 -10.59
N TYR A 425 -6.37 41.10 -9.79
CA TYR A 425 -5.30 40.20 -10.24
C TYR A 425 -5.79 39.26 -11.33
N PHE A 426 -7.08 38.98 -11.38
CA PHE A 426 -7.63 38.17 -12.45
C PHE A 426 -8.05 38.98 -13.67
N ASN A 427 -8.54 40.21 -13.51
CA ASN A 427 -9.28 40.86 -14.59
C ASN A 427 -8.83 42.26 -14.99
N ALA A 428 -7.98 42.91 -14.21
CA ALA A 428 -7.65 44.30 -14.49
C ALA A 428 -6.62 44.37 -15.61
N ALA A 429 -6.94 45.14 -16.66
CA ALA A 429 -5.98 45.31 -17.75
C ALA A 429 -4.73 46.07 -17.31
N ASP A 430 -4.79 46.82 -16.20
CA ASP A 430 -3.65 47.60 -15.76
C ASP A 430 -2.87 46.93 -14.64
N TYR A 431 -3.11 45.64 -14.41
CA TYR A 431 -2.30 44.84 -13.49
C TYR A 431 -1.52 43.84 -14.32
N ASP A 432 -0.22 43.72 -14.04
CA ASP A 432 0.67 42.90 -14.84
C ASP A 432 1.55 42.11 -13.88
N ASP A 433 1.24 40.82 -13.69
CA ASP A 433 2.06 39.97 -12.84
C ASP A 433 3.06 39.13 -13.63
N SER A 434 3.34 39.48 -14.89
CA SER A 434 4.19 38.60 -15.70
C SER A 434 5.59 38.44 -15.11
N GLN A 435 6.06 39.40 -14.33
CA GLN A 435 7.39 39.32 -13.72
C GLN A 435 7.37 38.98 -12.24
N LEU A 436 6.20 38.64 -11.68
CA LEU A 436 6.12 38.30 -10.26
C LEU A 436 6.84 36.99 -10.01
N ASP A 437 7.85 37.02 -9.15
CA ASP A 437 8.72 35.87 -8.91
C ASP A 437 8.11 34.99 -7.82
N MET A 438 7.80 33.75 -8.17
CA MET A 438 7.10 32.85 -7.26
C MET A 438 8.01 32.25 -6.20
N GLY A 439 9.30 32.55 -6.21
CA GLY A 439 10.16 32.23 -5.10
C GLY A 439 10.66 30.80 -5.14
N THR A 440 11.40 30.44 -4.10
CA THR A 440 12.04 29.13 -4.01
C THR A 440 11.47 28.26 -2.89
N GLY A 441 10.24 28.53 -2.45
CA GLY A 441 9.63 27.69 -1.45
C GLY A 441 9.43 26.27 -1.96
N LEU A 442 9.24 25.35 -1.02
CA LEU A 442 9.12 23.93 -1.37
C LEU A 442 7.84 23.67 -2.14
N ARG A 443 7.98 23.05 -3.30
CA ARG A 443 6.85 22.56 -4.08
C ARG A 443 6.57 21.10 -3.72
N TYR A 444 5.28 20.73 -3.81
CA TYR A 444 4.85 19.33 -3.65
C TYR A 444 5.18 18.58 -4.93
N THR A 445 5.98 17.53 -4.83
CA THR A 445 6.48 16.84 -6.02
C THR A 445 6.05 15.38 -6.11
N GLY A 446 4.94 14.99 -5.47
CA GLY A 446 4.44 13.64 -5.64
C GLY A 446 3.98 13.37 -7.05
N VAL A 447 4.17 12.13 -7.50
CA VAL A 447 3.74 11.69 -8.82
C VAL A 447 2.70 10.59 -8.65
N GLY A 448 1.55 10.75 -9.30
CA GLY A 448 0.49 9.76 -9.27
C GLY A 448 -0.06 9.49 -10.66
N PRO A 449 -1.18 8.78 -10.74
CA PRO A 449 -1.73 8.46 -12.08
C PRO A 449 -2.08 9.69 -12.89
N GLY A 450 -2.57 10.75 -12.27
CA GLY A 450 -3.00 11.91 -13.03
C GLY A 450 -1.89 12.87 -13.44
N ASN A 451 -0.67 12.68 -12.95
CA ASN A 451 0.42 13.53 -13.40
C ASN A 451 1.62 12.69 -13.83
N LEU A 452 1.35 11.52 -14.43
CA LEU A 452 2.43 10.71 -14.98
C LEU A 452 2.97 11.37 -16.25
N PRO A 453 4.29 11.49 -16.40
CA PRO A 453 4.83 12.17 -17.57
C PRO A 453 4.74 11.32 -18.82
N ILE A 454 4.74 12.00 -19.97
CA ILE A 454 4.99 11.30 -21.23
C ILE A 454 6.41 10.77 -21.18
N MET A 455 6.57 9.50 -21.53
CA MET A 455 7.89 8.88 -21.62
C MET A 455 7.93 8.01 -22.86
N THR A 456 9.15 7.64 -23.27
CA THR A 456 9.36 6.80 -24.44
C THR A 456 10.32 5.67 -24.11
N ALA A 457 9.96 4.45 -24.53
CA ALA A 457 10.78 3.28 -24.27
C ALA A 457 10.50 2.25 -25.35
N PRO A 458 11.49 1.42 -25.69
CA PRO A 458 11.25 0.36 -26.66
C PRO A 458 10.18 -0.58 -26.14
N ALA A 459 9.41 -1.14 -27.07
CA ALA A 459 8.29 -1.99 -26.70
C ALA A 459 8.76 -3.20 -25.90
N TYR A 460 7.93 -3.63 -24.97
CA TYR A 460 8.16 -4.90 -24.31
C TYR A 460 8.15 -6.03 -25.32
N VAL A 461 9.11 -6.94 -25.21
CA VAL A 461 9.19 -8.08 -26.14
C VAL A 461 9.03 -9.37 -25.35
N PRO A 462 7.94 -10.11 -25.53
CA PRO A 462 7.72 -11.31 -24.71
C PRO A 462 8.78 -12.35 -24.98
N GLY A 463 9.19 -13.05 -23.91
CA GLY A 463 10.24 -14.04 -23.97
C GLY A 463 11.63 -13.55 -23.61
N THR A 464 11.81 -12.24 -23.46
CA THR A 464 13.13 -11.76 -23.09
C THR A 464 13.18 -11.51 -21.59
N THR A 465 14.39 -11.56 -21.06
CA THR A 465 14.66 -11.40 -19.65
C THR A 465 15.29 -10.03 -19.45
N TYR A 466 14.68 -9.21 -18.59
CA TYR A 466 15.12 -7.85 -18.39
C TYR A 466 15.92 -7.69 -17.10
N ALA A 467 16.92 -6.84 -17.17
CA ALA A 467 17.68 -6.46 -15.98
C ALA A 467 16.92 -5.43 -15.15
N GLN A 468 17.46 -5.17 -13.96
CA GLN A 468 16.90 -4.17 -13.07
C GLN A 468 17.05 -2.78 -13.68
N GLY A 469 15.98 -2.00 -13.67
CA GLY A 469 16.01 -0.66 -14.20
C GLY A 469 15.68 -0.56 -15.66
N ALA A 470 15.39 -1.67 -16.33
CA ALA A 470 15.00 -1.62 -17.74
C ALA A 470 13.68 -0.88 -17.89
N LEU A 471 13.56 -0.16 -19.01
CA LEU A 471 12.35 0.56 -19.37
C LEU A 471 11.77 -0.03 -20.64
N VAL A 472 10.47 -0.32 -20.63
CA VAL A 472 9.76 -0.82 -21.80
C VAL A 472 8.40 -0.14 -21.84
N SER A 473 7.81 -0.11 -23.03
CA SER A 473 6.47 0.40 -23.21
C SER A 473 5.53 -0.77 -23.45
N TYR A 474 4.34 -0.68 -22.88
CA TYR A 474 3.41 -1.79 -22.92
C TYR A 474 2.04 -1.30 -22.50
N GLN A 475 1.04 -1.58 -23.34
CA GLN A 475 -0.36 -1.29 -23.07
C GLN A 475 -0.57 0.13 -22.55
N GLY A 476 0.08 1.09 -23.22
CA GLY A 476 -0.20 2.48 -22.99
C GLY A 476 0.69 3.17 -21.99
N TYR A 477 1.59 2.43 -21.33
CA TYR A 477 2.44 3.00 -20.30
C TYR A 477 3.86 2.55 -20.53
N VAL A 478 4.78 3.33 -19.94
CA VAL A 478 6.18 2.95 -19.85
C VAL A 478 6.41 2.39 -18.45
N TRP A 479 7.03 1.21 -18.37
CA TRP A 479 7.26 0.50 -17.12
C TRP A 479 8.75 0.36 -16.85
N GLN A 480 9.11 0.30 -15.57
CA GLN A 480 10.48 0.05 -15.14
C GLN A 480 10.53 -1.17 -14.21
N THR A 481 11.53 -2.02 -14.39
CA THR A 481 11.71 -3.17 -13.50
C THR A 481 12.31 -2.72 -12.18
N LYS A 482 11.85 -3.33 -11.09
CA LYS A 482 12.32 -3.00 -9.74
C LYS A 482 13.44 -3.91 -9.26
N TRP A 483 13.67 -5.04 -9.94
CA TRP A 483 14.79 -5.93 -9.65
C TRP A 483 15.10 -6.68 -10.94
N GLY A 484 16.05 -7.62 -10.87
CA GLY A 484 16.58 -8.24 -12.07
C GLY A 484 15.97 -9.61 -12.40
N TYR A 485 16.35 -10.11 -13.57
CA TYR A 485 15.88 -11.39 -14.12
C TYR A 485 14.35 -11.41 -14.25
N ILE A 486 13.82 -10.42 -14.95
CA ILE A 486 12.38 -10.26 -15.10
C ILE A 486 11.94 -10.97 -16.37
N THR A 487 11.13 -12.01 -16.23
CA THR A 487 10.60 -12.75 -17.36
C THR A 487 9.10 -12.58 -17.53
N SER A 488 8.46 -11.81 -16.66
CA SER A 488 7.03 -11.57 -16.75
C SER A 488 6.76 -10.33 -17.60
N ALA A 489 5.50 -10.20 -18.05
CA ALA A 489 5.06 -9.02 -18.79
C ALA A 489 4.63 -7.92 -17.81
N PRO A 490 4.76 -6.65 -18.22
CA PRO A 490 4.41 -5.56 -17.30
C PRO A 490 2.92 -5.55 -17.00
N GLY A 491 2.58 -5.06 -15.81
CA GLY A 491 1.22 -5.01 -15.33
C GLY A 491 0.73 -6.33 -14.76
N SER A 492 1.31 -7.44 -15.22
CA SER A 492 0.93 -8.78 -14.80
C SER A 492 1.74 -9.28 -13.62
N ASP A 493 2.29 -8.39 -12.79
CA ASP A 493 3.39 -8.79 -11.93
C ASP A 493 3.61 -7.74 -10.85
N SER A 494 4.47 -8.10 -9.88
CA SER A 494 4.98 -7.17 -8.89
C SER A 494 6.29 -6.51 -9.31
N ALA A 495 6.94 -7.03 -10.32
CA ALA A 495 8.28 -6.55 -10.64
C ALA A 495 8.27 -5.26 -11.45
N TRP A 496 7.14 -4.84 -12.00
CA TRP A 496 7.08 -3.73 -12.95
C TRP A 496 6.41 -2.50 -12.33
N LEU A 497 7.03 -1.34 -12.49
CA LEU A 497 6.49 -0.08 -12.00
C LEU A 497 6.11 0.82 -13.17
N LYS A 498 4.84 1.22 -13.23
CA LYS A 498 4.38 2.28 -14.12
C LYS A 498 5.13 3.58 -13.81
N VAL A 499 5.86 4.11 -14.78
CA VAL A 499 6.55 5.38 -14.58
C VAL A 499 6.17 6.45 -15.59
N GLY A 500 5.45 6.11 -16.65
CA GLY A 500 5.11 7.13 -17.63
C GLY A 500 4.03 6.65 -18.57
N ARG A 501 3.53 7.59 -19.36
CA ARG A 501 2.51 7.34 -20.35
C ARG A 501 3.13 7.35 -21.75
N VAL A 502 2.66 6.45 -22.61
CA VAL A 502 2.99 6.53 -24.03
C VAL A 502 2.06 7.53 -24.71
N THR B 7 2.31 -34.33 16.98
CA THR B 7 2.20 -35.07 15.73
C THR B 7 3.56 -35.15 15.03
N ARG B 8 3.79 -36.24 14.29
CA ARG B 8 5.10 -36.47 13.68
C ARG B 8 5.40 -35.44 12.60
N LYS B 9 6.61 -34.91 12.62
CA LYS B 9 7.04 -33.98 11.58
C LYS B 9 7.20 -34.72 10.26
N ALA B 10 6.68 -34.12 9.18
CA ALA B 10 6.90 -34.66 7.85
C ALA B 10 8.39 -34.59 7.50
N VAL B 11 8.86 -35.62 6.80
CA VAL B 11 10.22 -35.67 6.25
C VAL B 11 10.03 -36.08 4.79
N ILE B 12 10.14 -35.10 3.88
CA ILE B 12 9.72 -35.26 2.49
C ILE B 12 10.96 -35.25 1.61
N GLY B 13 11.31 -36.39 1.03
CA GLY B 13 12.47 -36.51 0.16
C GLY B 13 12.08 -36.64 -1.30
N TYR B 14 12.69 -35.80 -2.14
CA TYR B 14 12.52 -35.92 -3.58
C TYR B 14 13.35 -37.08 -4.11
N TYR B 15 12.72 -37.90 -4.94
CA TYR B 15 13.44 -38.90 -5.73
C TYR B 15 13.35 -38.44 -7.18
N PHE B 16 14.45 -37.93 -7.71
CA PHE B 16 14.48 -37.42 -9.08
C PHE B 16 15.25 -38.41 -9.95
N ILE B 17 14.66 -38.78 -11.09
CA ILE B 17 15.33 -39.68 -12.03
C ILE B 17 15.03 -39.21 -13.44
N PRO B 18 16.06 -38.87 -14.22
CA PRO B 18 15.82 -38.38 -15.58
C PRO B 18 15.23 -39.47 -16.46
N THR B 19 14.68 -39.05 -17.59
CA THR B 19 14.02 -39.99 -18.49
C THR B 19 15.00 -41.05 -19.01
N ASN B 20 16.23 -40.64 -19.37
CA ASN B 20 17.17 -41.61 -19.90
C ASN B 20 17.58 -42.63 -18.85
N GLN B 21 17.50 -42.28 -17.56
CA GLN B 21 17.78 -43.25 -16.52
C GLN B 21 16.61 -44.19 -16.25
N ILE B 22 15.37 -43.69 -16.38
CA ILE B 22 14.22 -44.61 -16.37
C ILE B 22 14.33 -45.60 -17.52
N ASN B 23 14.55 -45.09 -18.73
CA ASN B 23 14.58 -45.95 -19.91
C ASN B 23 15.72 -46.97 -19.85
N ASN B 24 16.76 -46.72 -19.07
CA ASN B 24 17.86 -47.67 -18.94
C ASN B 24 18.05 -48.13 -17.50
N TYR B 25 16.95 -48.28 -16.75
CA TYR B 25 17.05 -48.45 -15.30
C TYR B 25 17.75 -49.75 -14.92
N THR B 26 18.68 -49.65 -13.97
CA THR B 26 19.29 -50.83 -13.36
C THR B 26 19.75 -50.48 -11.96
N GLU B 27 19.71 -51.49 -11.08
CA GLU B 27 20.17 -51.34 -9.72
C GLU B 27 21.59 -51.85 -9.52
N THR B 28 22.34 -52.06 -10.59
CA THR B 28 23.66 -52.68 -10.49
C THR B 28 24.79 -51.90 -11.14
N ASP B 29 24.54 -50.71 -11.68
CA ASP B 29 25.62 -49.98 -12.35
C ASP B 29 25.42 -48.48 -12.14
N THR B 30 26.19 -47.93 -11.20
CA THR B 30 26.07 -46.52 -10.83
C THR B 30 26.53 -45.57 -11.93
N SER B 31 27.00 -46.07 -13.07
CA SER B 31 27.40 -45.19 -14.17
C SER B 31 26.23 -44.79 -15.06
N VAL B 32 25.18 -45.59 -15.14
CA VAL B 32 23.98 -45.20 -15.84
C VAL B 32 22.90 -44.72 -14.88
N VAL B 33 22.76 -45.35 -13.71
CA VAL B 33 21.81 -44.92 -12.68
C VAL B 33 22.56 -44.77 -11.36
N PRO B 34 22.96 -43.55 -10.99
CA PRO B 34 23.77 -43.38 -9.77
C PRO B 34 23.05 -43.76 -8.49
N PHE B 35 21.75 -43.53 -8.39
CA PHE B 35 21.00 -43.77 -7.15
C PHE B 35 19.74 -44.56 -7.45
N PRO B 36 19.86 -45.88 -7.63
CA PRO B 36 18.67 -46.71 -7.88
C PRO B 36 17.86 -46.85 -6.61
N VAL B 37 16.58 -47.23 -6.78
CA VAL B 37 15.67 -47.35 -5.64
C VAL B 37 16.23 -48.29 -4.59
N SER B 38 17.02 -49.28 -5.04
CA SER B 38 17.70 -50.21 -4.15
C SER B 38 18.50 -49.52 -3.05
N ASN B 39 19.01 -48.31 -3.30
CA ASN B 39 19.79 -47.65 -2.25
C ASN B 39 18.94 -47.08 -1.13
N ILE B 40 17.60 -47.12 -1.26
CA ILE B 40 16.70 -46.73 -0.17
C ILE B 40 16.42 -47.98 0.64
N THR B 41 17.22 -48.19 1.68
CA THR B 41 17.15 -49.35 2.52
C THR B 41 15.92 -49.27 3.41
N PRO B 42 15.54 -50.37 4.04
CA PRO B 42 14.40 -50.31 4.97
C PRO B 42 14.56 -49.26 6.06
N ALA B 43 15.80 -49.06 6.54
CA ALA B 43 16.03 -48.06 7.58
C ALA B 43 15.74 -46.65 7.08
N LYS B 44 16.19 -46.33 5.87
CA LYS B 44 15.95 -45.00 5.31
C LYS B 44 14.48 -44.78 5.00
N ALA B 45 13.77 -45.83 4.57
CA ALA B 45 12.34 -45.74 4.31
C ALA B 45 11.57 -45.40 5.57
N LYS B 46 12.03 -45.88 6.73
CA LYS B 46 11.38 -45.58 8.00
C LYS B 46 11.64 -44.15 8.45
N GLN B 47 12.75 -43.56 7.99
CA GLN B 47 13.09 -42.18 8.31
C GLN B 47 12.35 -41.15 7.47
N LEU B 48 11.77 -41.58 6.34
CA LEU B 48 10.97 -40.71 5.47
C LEU B 48 9.50 -40.84 5.84
N THR B 49 8.76 -39.74 5.65
CA THR B 49 7.30 -39.83 5.60
C THR B 49 6.76 -39.72 4.18
N HIS B 50 7.50 -39.06 3.28
CA HIS B 50 7.06 -38.89 1.90
C HIS B 50 8.25 -38.98 0.99
N ILE B 51 8.06 -39.63 -0.16
CA ILE B 51 8.98 -39.55 -1.28
C ILE B 51 8.24 -38.88 -2.44
N ASN B 52 8.78 -37.76 -2.94
CA ASN B 52 8.20 -37.08 -4.10
C ASN B 52 8.92 -37.61 -5.34
N PHE B 53 8.31 -38.58 -6.00
CA PHE B 53 8.80 -38.98 -7.31
C PHE B 53 8.65 -37.83 -8.31
N SER B 54 9.71 -37.55 -9.07
CA SER B 54 9.75 -36.34 -9.89
C SER B 54 10.60 -36.57 -11.14
N PHE B 55 10.22 -35.96 -12.28
CA PHE B 55 9.07 -35.06 -12.46
C PHE B 55 8.19 -35.58 -13.59
N LEU B 56 6.89 -35.41 -13.43
CA LEU B 56 5.96 -35.48 -14.55
C LEU B 56 5.66 -34.06 -15.02
N ASP B 57 4.76 -33.92 -15.99
CA ASP B 57 4.57 -32.68 -16.72
C ASP B 57 3.09 -32.55 -17.05
N ILE B 58 2.74 -31.40 -17.62
CA ILE B 58 1.43 -31.17 -18.26
C ILE B 58 1.69 -31.09 -19.76
N ASN B 59 1.00 -31.93 -20.54
CA ASN B 59 1.22 -31.97 -21.99
C ASN B 59 0.30 -30.97 -22.68
N SER B 60 0.40 -30.89 -24.02
CA SER B 60 -0.41 -29.93 -24.76
C SER B 60 -1.88 -30.29 -24.78
N ASN B 61 -2.23 -31.51 -24.40
CA ASN B 61 -3.62 -31.85 -24.14
C ASN B 61 -4.11 -31.30 -22.81
N LEU B 62 -3.25 -30.59 -22.07
CA LEU B 62 -3.58 -29.98 -20.77
C LEU B 62 -3.93 -31.06 -19.75
N GLU B 63 -3.22 -32.17 -19.82
CA GLU B 63 -3.36 -33.25 -18.87
C GLU B 63 -2.00 -33.58 -18.30
N CYS B 64 -2.03 -34.06 -17.07
CA CYS B 64 -0.87 -34.64 -16.42
C CYS B 64 -0.34 -35.81 -17.23
N ALA B 65 0.98 -35.84 -17.47
CA ALA B 65 1.53 -36.89 -18.32
C ALA B 65 3.00 -37.08 -18.01
N TRP B 66 3.48 -38.28 -18.28
CA TRP B 66 4.91 -38.52 -18.29
C TRP B 66 5.55 -37.79 -19.46
N ASP B 67 6.86 -37.59 -19.36
CA ASP B 67 7.65 -37.14 -20.51
C ASP B 67 7.37 -38.06 -21.71
N PRO B 68 7.09 -37.52 -22.90
CA PRO B 68 6.75 -38.38 -24.05
C PRO B 68 7.76 -39.47 -24.38
N ALA B 69 9.05 -39.23 -24.12
CA ALA B 69 10.08 -40.23 -24.38
C ALA B 69 10.19 -41.32 -23.31
N THR B 70 9.32 -41.31 -22.30
CA THR B 70 9.42 -42.32 -21.24
C THR B 70 9.02 -43.70 -21.75
N ASN B 71 9.82 -44.71 -21.43
CA ASN B 71 9.45 -46.12 -21.56
C ASN B 71 8.50 -46.46 -20.41
N ASP B 72 7.21 -46.54 -20.72
CA ASP B 72 6.19 -46.65 -19.68
C ASP B 72 6.34 -47.92 -18.87
N ALA B 73 6.75 -49.02 -19.51
CA ALA B 73 6.97 -50.26 -18.78
C ALA B 73 8.06 -50.10 -17.73
N LYS B 74 9.16 -49.44 -18.08
CA LYS B 74 10.21 -49.25 -17.11
C LYS B 74 9.79 -48.24 -16.05
N ALA B 75 8.97 -47.25 -16.43
CA ALA B 75 8.54 -46.26 -15.44
C ALA B 75 7.66 -46.90 -14.38
N ARG B 76 6.76 -47.80 -14.79
CA ARG B 76 5.93 -48.50 -13.81
C ARG B 76 6.78 -49.35 -12.89
N ASP B 77 7.86 -49.94 -13.40
CA ASP B 77 8.69 -50.78 -12.54
C ASP B 77 9.45 -49.94 -11.53
N VAL B 78 9.98 -48.79 -11.94
CA VAL B 78 10.63 -47.88 -11.00
C VAL B 78 9.63 -47.48 -9.91
N VAL B 79 8.42 -47.08 -10.32
CA VAL B 79 7.44 -46.64 -9.33
C VAL B 79 7.05 -47.80 -8.42
N ASN B 80 6.93 -49.01 -8.97
CA ASN B 80 6.59 -50.17 -8.14
C ASN B 80 7.67 -50.46 -7.10
N ARG B 81 8.95 -50.29 -7.46
CA ARG B 81 10.01 -50.45 -6.47
C ARG B 81 9.87 -49.42 -5.34
N LEU B 82 9.45 -48.20 -5.67
CA LEU B 82 9.26 -47.20 -4.62
C LEU B 82 8.10 -47.57 -3.72
N THR B 83 6.93 -47.88 -4.29
CA THR B 83 5.79 -48.17 -3.43
C THR B 83 5.99 -49.44 -2.64
N ALA B 84 6.86 -50.35 -3.08
CA ALA B 84 7.19 -51.51 -2.27
C ALA B 84 7.83 -51.13 -0.94
N LEU B 85 8.43 -49.93 -0.84
CA LEU B 85 9.05 -49.52 0.42
C LEU B 85 8.03 -49.29 1.51
N LYS B 86 6.77 -49.10 1.14
CA LYS B 86 5.70 -49.01 2.12
C LYS B 86 5.64 -50.25 3.01
N ALA B 87 6.23 -51.36 2.57
CA ALA B 87 6.24 -52.55 3.42
C ALA B 87 7.04 -52.30 4.70
N HIS B 88 8.00 -51.39 4.66
CA HIS B 88 8.83 -51.09 5.81
C HIS B 88 8.34 -49.91 6.63
N ASN B 89 7.44 -49.09 6.10
CA ASN B 89 6.98 -47.90 6.79
C ASN B 89 5.52 -47.70 6.45
N PRO B 90 4.60 -48.04 7.36
CA PRO B 90 3.18 -47.89 7.07
C PRO B 90 2.72 -46.44 6.91
N SER B 91 3.51 -45.46 7.34
CA SER B 91 3.12 -44.06 7.16
C SER B 91 3.65 -43.47 5.85
N LEU B 92 4.47 -44.22 5.12
CA LEU B 92 5.16 -43.68 3.96
C LEU B 92 4.19 -43.45 2.80
N ARG B 93 4.34 -42.31 2.14
CA ARG B 93 3.60 -41.97 0.94
C ARG B 93 4.59 -41.73 -0.20
N ILE B 94 4.34 -42.35 -1.34
CA ILE B 94 5.06 -42.04 -2.57
C ILE B 94 4.19 -41.06 -3.35
N MET B 95 4.52 -39.77 -3.26
CA MET B 95 3.90 -38.74 -4.08
C MET B 95 4.51 -38.76 -5.48
N PHE B 96 3.82 -38.11 -6.42
CA PHE B 96 4.49 -37.74 -7.67
C PHE B 96 4.40 -36.23 -7.85
N SER B 97 5.44 -35.65 -8.45
CA SER B 97 5.56 -34.21 -8.63
C SER B 97 5.36 -33.84 -10.09
N ILE B 98 4.48 -32.87 -10.33
CA ILE B 98 4.21 -32.34 -11.67
C ILE B 98 4.93 -31.00 -11.80
N GLY B 99 5.86 -30.90 -12.75
CA GLY B 99 6.42 -29.60 -13.02
C GLY B 99 7.92 -29.56 -12.85
N GLY B 100 8.40 -28.75 -11.91
CA GLY B 100 9.82 -28.50 -11.78
C GLY B 100 10.24 -27.31 -12.63
N TRP B 101 11.47 -26.85 -12.39
CA TRP B 101 11.93 -25.64 -13.05
C TRP B 101 11.98 -25.82 -14.57
N TYR B 102 12.52 -26.94 -15.04
CA TYR B 102 12.73 -27.14 -16.48
C TYR B 102 11.41 -27.11 -17.24
N TYR B 103 10.39 -27.78 -16.74
CA TYR B 103 9.11 -27.81 -17.46
C TYR B 103 8.33 -26.50 -17.33
N SER B 104 8.30 -25.91 -16.13
CA SER B 104 7.25 -24.96 -15.80
C SER B 104 7.71 -23.52 -15.65
N ASN B 105 9.01 -23.24 -15.62
CA ASN B 105 9.41 -21.84 -15.51
C ASN B 105 8.90 -21.04 -16.73
N ASP B 106 8.85 -19.71 -16.57
CA ASP B 106 8.30 -18.81 -17.60
C ASP B 106 8.82 -19.16 -18.99
N LEU B 107 10.12 -19.47 -19.09
CA LEU B 107 10.76 -19.78 -20.34
C LEU B 107 10.95 -21.28 -20.56
N GLY B 108 10.16 -22.13 -19.87
CA GLY B 108 10.32 -23.56 -19.94
C GLY B 108 9.54 -24.18 -21.08
N VAL B 109 9.88 -25.43 -21.39
CA VAL B 109 9.33 -26.05 -22.59
C VAL B 109 7.82 -26.20 -22.50
N SER B 110 7.27 -26.41 -21.30
CA SER B 110 5.84 -26.70 -21.20
C SER B 110 5.05 -25.57 -20.56
N HIS B 111 5.66 -24.40 -20.38
CA HIS B 111 5.06 -23.36 -19.54
C HIS B 111 3.64 -23.01 -19.95
N ALA B 112 3.37 -22.91 -21.26
CA ALA B 112 2.03 -22.57 -21.71
C ALA B 112 1.01 -23.61 -21.29
N ASN B 113 1.42 -24.87 -21.18
CA ASN B 113 0.46 -25.91 -20.79
C ASN B 113 0.00 -25.73 -19.33
N TYR B 114 0.87 -25.18 -18.48
CA TYR B 114 0.45 -24.87 -17.12
C TYR B 114 -0.51 -23.70 -17.11
N VAL B 115 -0.22 -22.66 -17.91
CA VAL B 115 -1.11 -21.50 -17.98
C VAL B 115 -2.48 -21.90 -18.53
N ASN B 116 -2.50 -22.77 -19.54
CA ASN B 116 -3.78 -23.08 -20.16
C ASN B 116 -4.59 -24.10 -19.38
N ALA B 117 -3.93 -25.02 -18.64
CA ALA B 117 -4.69 -26.05 -17.95
C ALA B 117 -5.57 -25.47 -16.85
N VAL B 118 -5.15 -24.37 -16.23
CA VAL B 118 -5.92 -23.78 -15.13
C VAL B 118 -6.83 -22.65 -15.61
N LYS B 119 -6.97 -22.46 -16.93
CA LYS B 119 -7.64 -21.27 -17.46
C LYS B 119 -9.14 -21.28 -17.21
N THR B 120 -9.81 -22.39 -17.47
CA THR B 120 -11.26 -22.42 -17.50
C THR B 120 -11.81 -23.54 -16.62
N PRO B 121 -13.09 -23.47 -16.23
CA PRO B 121 -13.66 -24.58 -15.45
C PRO B 121 -13.53 -25.91 -16.15
N ALA B 122 -13.66 -25.94 -17.47
CA ALA B 122 -13.52 -27.20 -18.21
C ALA B 122 -12.07 -27.69 -18.18
N SER B 123 -11.12 -26.80 -18.40
CA SER B 123 -9.72 -27.21 -18.41
C SER B 123 -9.29 -27.71 -17.03
N ARG B 124 -9.74 -27.03 -15.96
CA ARG B 124 -9.37 -27.42 -14.61
C ARG B 124 -9.98 -28.74 -14.23
N ALA B 125 -11.26 -28.95 -14.55
CA ALA B 125 -11.88 -30.25 -14.31
C ALA B 125 -11.10 -31.33 -15.01
N LYS B 126 -10.79 -31.14 -16.29
CA LYS B 126 -10.05 -32.13 -17.06
C LYS B 126 -8.67 -32.38 -16.46
N PHE B 127 -7.95 -31.30 -16.15
CA PHE B 127 -6.60 -31.46 -15.62
C PHE B 127 -6.63 -32.18 -14.28
N ALA B 128 -7.54 -31.79 -13.39
CA ALA B 128 -7.64 -32.45 -12.10
C ALA B 128 -7.92 -33.94 -12.24
N GLN B 129 -8.86 -34.31 -13.13
CA GLN B 129 -9.17 -35.73 -13.33
C GLN B 129 -7.92 -36.49 -13.71
N SER B 130 -7.11 -35.90 -14.58
CA SER B 130 -5.94 -36.60 -15.08
C SER B 130 -4.92 -36.79 -13.97
N CYS B 131 -4.85 -35.86 -13.02
CA CYS B 131 -3.95 -36.04 -11.89
C CYS B 131 -4.37 -37.26 -11.08
N VAL B 132 -5.67 -37.39 -10.80
CA VAL B 132 -6.12 -38.51 -9.99
C VAL B 132 -6.00 -39.81 -10.78
N ARG B 133 -6.19 -39.77 -12.11
CA ARG B 133 -6.03 -40.97 -12.92
C ARG B 133 -4.58 -41.44 -12.92
N ILE B 134 -3.64 -40.50 -13.10
CA ILE B 134 -2.22 -40.88 -13.05
C ILE B 134 -1.91 -41.46 -11.68
N MET B 135 -2.38 -40.80 -10.62
CA MET B 135 -2.12 -41.27 -9.26
C MET B 135 -2.58 -42.71 -9.07
N LYS B 136 -3.81 -43.03 -9.49
CA LYS B 136 -4.35 -44.37 -9.26
C LYS B 136 -3.73 -45.41 -10.21
N ASP B 137 -3.49 -45.03 -11.46
CA ASP B 137 -2.95 -45.99 -12.43
C ASP B 137 -1.55 -46.45 -12.07
N TYR B 138 -0.72 -45.54 -11.55
CA TYR B 138 0.65 -45.92 -11.22
C TYR B 138 0.83 -46.28 -9.76
N GLY B 139 -0.17 -46.04 -8.91
CA GLY B 139 -0.06 -46.45 -7.52
C GLY B 139 0.54 -45.41 -6.60
N PHE B 140 0.48 -44.13 -6.95
CA PHE B 140 1.01 -43.06 -6.12
C PHE B 140 0.02 -42.73 -5.00
N ASP B 141 0.52 -42.03 -3.98
CA ASP B 141 -0.25 -41.75 -2.76
C ASP B 141 -0.69 -40.30 -2.66
N GLY B 142 -0.46 -39.51 -3.68
CA GLY B 142 -0.82 -38.11 -3.64
C GLY B 142 -0.12 -37.36 -4.76
N VAL B 143 -0.49 -36.09 -4.87
CA VAL B 143 -0.15 -35.23 -6.00
C VAL B 143 0.63 -34.05 -5.44
N ASP B 144 1.78 -33.75 -6.05
CA ASP B 144 2.54 -32.56 -5.70
C ASP B 144 2.69 -31.70 -6.96
N ILE B 145 2.29 -30.44 -6.90
CA ILE B 145 2.41 -29.54 -8.06
C ILE B 145 3.57 -28.58 -7.84
N ASP B 146 4.53 -28.60 -8.77
CA ASP B 146 5.71 -27.75 -8.68
C ASP B 146 5.77 -26.79 -9.85
N TRP B 147 4.79 -25.91 -9.98
CA TRP B 147 4.81 -24.87 -11.00
C TRP B 147 5.61 -23.69 -10.48
N GLU B 148 6.68 -23.33 -11.20
CA GLU B 148 7.63 -22.33 -10.72
C GLU B 148 7.68 -21.15 -11.70
N TYR B 149 6.70 -20.23 -11.65
CA TYR B 149 5.61 -20.10 -10.68
C TYR B 149 4.44 -19.42 -11.36
N PRO B 150 3.21 -19.65 -10.90
CA PRO B 150 2.07 -18.90 -11.43
C PRO B 150 2.22 -17.41 -11.18
N GLN B 151 1.80 -16.61 -12.17
CA GLN B 151 1.83 -15.16 -12.04
C GLN B 151 0.48 -14.67 -11.54
N ALA B 152 0.43 -13.38 -11.14
CA ALA B 152 -0.72 -12.86 -10.41
C ALA B 152 -2.05 -13.18 -11.08
N ALA B 153 -2.14 -12.95 -12.39
CA ALA B 153 -3.41 -13.13 -13.10
C ALA B 153 -3.76 -14.59 -13.32
N GLU B 154 -2.80 -15.51 -13.15
CA GLU B 154 -3.05 -16.95 -13.23
C GLU B 154 -3.43 -17.57 -11.90
N VAL B 155 -3.32 -16.81 -10.80
CA VAL B 155 -3.39 -17.40 -9.47
C VAL B 155 -4.79 -17.92 -9.17
N ASP B 156 -5.83 -17.16 -9.51
CA ASP B 156 -7.18 -17.62 -9.21
C ASP B 156 -7.49 -18.94 -9.91
N GLY B 157 -7.02 -19.09 -11.16
CA GLY B 157 -7.17 -20.36 -11.84
C GLY B 157 -6.38 -21.46 -11.17
N PHE B 158 -5.16 -21.14 -10.71
CA PHE B 158 -4.34 -22.10 -9.97
C PHE B 158 -5.09 -22.62 -8.74
N ILE B 159 -5.66 -21.71 -7.94
CA ILE B 159 -6.39 -22.08 -6.72
C ILE B 159 -7.56 -22.99 -7.03
N ALA B 160 -8.35 -22.66 -8.05
CA ALA B 160 -9.53 -23.46 -8.36
C ALA B 160 -9.15 -24.86 -8.82
N ALA B 161 -8.04 -24.98 -9.56
CA ALA B 161 -7.57 -26.31 -9.94
C ALA B 161 -7.14 -27.12 -8.72
N LEU B 162 -6.42 -26.49 -7.79
CA LEU B 162 -6.06 -27.17 -6.55
C LEU B 162 -7.30 -27.57 -5.77
N GLN B 163 -8.29 -26.69 -5.66
CA GLN B 163 -9.53 -27.06 -4.98
C GLN B 163 -10.22 -28.22 -5.69
N GLU B 164 -10.15 -28.23 -7.02
CA GLU B 164 -10.72 -29.33 -7.78
C GLU B 164 -9.98 -30.64 -7.50
N ILE B 165 -8.66 -30.58 -7.43
CA ILE B 165 -7.89 -31.78 -7.08
C ILE B 165 -8.23 -32.24 -5.67
N ARG B 166 -8.32 -31.29 -4.73
CA ARG B 166 -8.69 -31.66 -3.35
C ARG B 166 -10.04 -32.38 -3.33
N THR B 167 -11.02 -31.87 -4.05
CA THR B 167 -12.33 -32.53 -4.04
C THR B 167 -12.22 -33.96 -4.55
N LEU B 168 -11.51 -34.17 -5.66
CA LEU B 168 -11.42 -35.52 -6.19
C LEU B 168 -10.58 -36.43 -5.30
N LEU B 169 -9.54 -35.90 -4.64
CA LEU B 169 -8.72 -36.77 -3.79
C LEU B 169 -9.50 -37.21 -2.57
N ASN B 170 -10.28 -36.29 -1.98
CA ASN B 170 -11.08 -36.65 -0.81
C ASN B 170 -12.14 -37.69 -1.16
N GLN B 171 -12.74 -37.57 -2.35
CA GLN B 171 -13.63 -38.62 -2.82
C GLN B 171 -12.88 -39.93 -3.02
N GLN B 172 -11.69 -39.87 -3.64
CA GLN B 172 -10.93 -41.10 -3.86
C GLN B 172 -10.50 -41.75 -2.54
N THR B 173 -10.13 -40.95 -1.55
CA THR B 173 -9.81 -41.48 -0.22
C THR B 173 -10.98 -42.29 0.35
N ILE B 174 -12.20 -41.75 0.26
CA ILE B 174 -13.34 -42.47 0.82
C ILE B 174 -13.61 -43.73 0.02
N THR B 175 -13.59 -43.60 -1.31
CA THR B 175 -13.85 -44.72 -2.21
C THR B 175 -12.86 -45.86 -2.02
N ASP B 176 -11.62 -45.54 -1.69
CA ASP B 176 -10.58 -46.55 -1.51
C ASP B 176 -10.40 -46.95 -0.05
N GLY B 177 -11.20 -46.42 0.86
CA GLY B 177 -11.04 -46.78 2.26
C GLY B 177 -9.70 -46.38 2.86
N ARG B 178 -9.19 -45.19 2.49
CA ARG B 178 -7.85 -44.77 2.86
C ARG B 178 -7.87 -43.75 3.99
N GLN B 179 -8.88 -43.83 4.87
CA GLN B 179 -8.99 -42.88 5.99
C GLN B 179 -7.74 -42.89 6.87
N ALA B 180 -7.07 -44.03 6.98
CA ALA B 180 -5.86 -44.11 7.80
C ALA B 180 -4.68 -43.42 7.13
N LEU B 181 -4.67 -43.31 5.80
CA LEU B 181 -3.57 -42.69 5.06
C LEU B 181 -4.16 -41.96 3.86
N PRO B 182 -4.84 -40.84 4.09
CA PRO B 182 -5.59 -40.20 3.01
C PRO B 182 -4.65 -39.71 1.91
N TYR B 183 -5.19 -39.66 0.70
CA TYR B 183 -4.47 -39.08 -0.42
C TYR B 183 -4.16 -37.61 -0.12
N GLN B 184 -3.00 -37.15 -0.55
CA GLN B 184 -2.57 -35.82 -0.17
C GLN B 184 -2.29 -34.96 -1.39
N LEU B 185 -2.29 -33.65 -1.15
CA LEU B 185 -2.03 -32.64 -2.16
C LEU B 185 -1.06 -31.64 -1.57
N THR B 186 0.06 -31.41 -2.25
CA THR B 186 1.08 -30.46 -1.84
C THR B 186 1.53 -29.64 -3.05
N ILE B 187 2.19 -28.52 -2.77
CA ILE B 187 2.90 -27.77 -3.80
C ILE B 187 4.28 -27.42 -3.26
N ALA B 188 5.21 -27.22 -4.18
CA ALA B 188 6.48 -26.58 -3.84
C ALA B 188 6.28 -25.08 -4.00
N GLY B 189 6.67 -24.33 -2.98
CA GLY B 189 6.48 -22.89 -2.98
C GLY B 189 7.81 -22.17 -3.09
N ALA B 190 7.79 -20.98 -3.68
CA ALA B 190 8.97 -20.11 -3.64
C ALA B 190 9.44 -19.96 -2.20
N GLY B 191 10.75 -20.08 -1.99
CA GLY B 191 11.35 -19.77 -0.70
C GLY B 191 12.09 -18.44 -0.67
N GLY B 192 11.80 -17.57 -1.62
CA GLY B 192 12.43 -16.27 -1.69
C GLY B 192 11.47 -15.23 -2.23
N ALA B 193 11.63 -13.99 -1.73
CA ALA B 193 10.58 -12.97 -1.89
C ALA B 193 10.24 -12.67 -3.35
N PHE B 194 11.22 -12.75 -4.25
CA PHE B 194 11.02 -12.28 -5.61
C PHE B 194 9.96 -13.09 -6.33
N PHE B 195 10.08 -14.41 -6.33
CA PHE B 195 9.05 -15.26 -6.93
C PHE B 195 7.81 -15.37 -6.06
N LEU B 196 7.98 -15.34 -4.73
CA LEU B 196 6.83 -15.38 -3.83
C LEU B 196 5.88 -14.22 -4.09
N SER B 197 6.40 -13.04 -4.45
CA SER B 197 5.52 -11.90 -4.66
C SER B 197 4.53 -12.11 -5.82
N ARG B 198 4.72 -13.16 -6.64
CA ARG B 198 3.77 -13.40 -7.73
C ARG B 198 2.39 -13.78 -7.22
N TYR B 199 2.31 -14.59 -6.14
CA TYR B 199 1.05 -15.11 -5.63
C TYR B 199 0.87 -14.85 -4.14
N TYR B 200 1.79 -14.09 -3.54
CA TYR B 200 1.84 -13.93 -2.08
C TYR B 200 0.51 -13.46 -1.53
N SER B 201 -0.19 -12.57 -2.25
CA SER B 201 -1.41 -11.98 -1.70
C SER B 201 -2.50 -13.02 -1.54
N LYS B 202 -2.47 -14.11 -2.31
CA LYS B 202 -3.48 -15.15 -2.22
C LYS B 202 -2.97 -16.44 -1.55
N LEU B 203 -1.96 -16.32 -0.69
CA LEU B 203 -1.44 -17.50 0.00
C LEU B 203 -2.52 -18.28 0.74
N ALA B 204 -3.44 -17.57 1.41
CA ALA B 204 -4.45 -18.28 2.21
C ALA B 204 -5.29 -19.20 1.34
N GLN B 205 -5.75 -18.71 0.19
CA GLN B 205 -6.56 -19.55 -0.68
C GLN B 205 -5.72 -20.63 -1.36
N ILE B 206 -4.43 -20.38 -1.60
CA ILE B 206 -3.57 -21.40 -2.17
C ILE B 206 -3.36 -22.55 -1.19
N VAL B 207 -3.15 -22.24 0.09
CA VAL B 207 -2.77 -23.26 1.05
C VAL B 207 -3.99 -24.01 1.61
N ALA B 208 -5.18 -23.41 1.55
CA ALA B 208 -6.39 -24.07 2.05
C ALA B 208 -6.60 -25.49 1.54
N PRO B 209 -6.48 -25.80 0.25
CA PRO B 209 -6.71 -27.19 -0.20
C PRO B 209 -5.52 -28.12 0.01
N LEU B 210 -4.40 -27.61 0.51
CA LEU B 210 -3.16 -28.37 0.59
C LEU B 210 -2.99 -29.02 1.95
N ASP B 211 -2.33 -30.18 1.95
CA ASP B 211 -1.78 -30.72 3.19
C ASP B 211 -0.52 -29.98 3.61
N TYR B 212 0.33 -29.63 2.65
CA TYR B 212 1.58 -28.92 2.94
C TYR B 212 1.95 -28.02 1.78
N ILE B 213 2.60 -26.90 2.09
CA ILE B 213 3.33 -26.11 1.11
C ILE B 213 4.82 -26.26 1.41
N ASN B 214 5.55 -26.85 0.47
CA ASN B 214 6.96 -27.16 0.67
C ASN B 214 7.81 -25.99 0.15
N LEU B 215 8.37 -25.20 1.06
CA LEU B 215 9.10 -24.00 0.66
C LEU B 215 10.46 -24.40 0.11
N MET B 216 10.78 -23.90 -1.08
CA MET B 216 12.09 -24.15 -1.66
C MET B 216 13.09 -23.14 -1.10
N THR B 217 13.36 -23.31 0.20
CA THR B 217 14.25 -22.41 0.95
C THR B 217 15.70 -22.84 0.78
N TYR B 218 16.11 -22.86 -0.48
CA TYR B 218 17.49 -23.05 -0.90
C TYR B 218 17.64 -22.32 -2.25
N ASP B 219 18.80 -22.46 -2.90
CA ASP B 219 19.12 -21.63 -4.07
C ASP B 219 18.88 -20.15 -3.78
N LEU B 220 19.06 -19.72 -2.53
CA LEU B 220 18.98 -18.29 -2.20
C LEU B 220 20.26 -17.55 -2.51
N ALA B 221 21.24 -18.24 -3.07
CA ALA B 221 22.44 -17.64 -3.64
C ALA B 221 22.86 -18.54 -4.78
N GLY B 222 23.60 -17.96 -5.73
CA GLY B 222 24.05 -18.69 -6.88
C GLY B 222 24.98 -17.85 -7.73
N PRO B 223 25.43 -18.41 -8.87
CA PRO B 223 26.38 -17.69 -9.73
C PRO B 223 25.74 -16.54 -10.48
N TRP B 224 24.42 -16.43 -10.47
CA TRP B 224 23.73 -15.30 -11.08
C TRP B 224 23.76 -14.06 -10.20
N GLU B 225 24.29 -14.15 -8.98
CA GLU B 225 24.48 -12.99 -8.13
C GLU B 225 25.94 -12.56 -8.15
N LYS B 226 26.17 -11.26 -8.07
CA LYS B 226 27.53 -10.76 -8.22
C LYS B 226 28.42 -11.16 -7.07
N VAL B 227 27.85 -11.46 -5.91
CA VAL B 227 28.60 -11.69 -4.69
C VAL B 227 28.28 -13.08 -4.18
N THR B 228 29.30 -13.85 -3.80
CA THR B 228 29.06 -15.16 -3.19
C THR B 228 28.26 -15.00 -1.90
N ASN B 229 27.49 -16.02 -1.57
CA ASN B 229 26.63 -15.98 -0.39
C ASN B 229 26.19 -17.39 -0.09
N HIS B 230 25.61 -17.56 1.10
CA HIS B 230 25.06 -18.85 1.52
C HIS B 230 23.70 -19.07 0.87
N GLN B 231 23.48 -20.27 0.36
CA GLN B 231 22.26 -20.55 -0.40
C GLN B 231 21.08 -20.94 0.48
N ALA B 232 21.31 -21.27 1.74
CA ALA B 232 20.23 -21.60 2.65
C ALA B 232 20.57 -21.16 4.08
N ALA B 233 21.01 -19.90 4.23
CA ALA B 233 21.23 -19.31 5.54
C ALA B 233 19.96 -19.37 6.37
N LEU B 234 20.07 -19.90 7.59
CA LEU B 234 18.91 -19.90 8.48
C LEU B 234 18.55 -18.48 8.90
N PHE B 235 19.54 -17.73 9.40
CA PHE B 235 19.40 -16.35 9.82
C PHE B 235 20.39 -15.48 9.05
N GLY B 236 20.25 -14.18 9.19
CA GLY B 236 21.01 -13.24 8.38
C GLY B 236 22.36 -12.90 8.99
N ASP B 237 23.31 -12.56 8.12
CA ASP B 237 24.62 -12.06 8.55
C ASP B 237 24.75 -10.63 8.06
N ALA B 238 24.94 -9.70 9.00
CA ALA B 238 25.02 -8.29 8.64
C ALA B 238 26.15 -8.01 7.65
N ALA B 239 27.17 -8.86 7.63
CA ALA B 239 28.26 -8.62 6.71
C ALA B 239 27.96 -9.09 5.29
N GLY B 240 26.84 -9.78 5.07
CA GLY B 240 26.52 -10.30 3.76
C GLY B 240 25.60 -9.40 2.96
N PRO B 241 25.34 -9.77 1.72
CA PRO B 241 24.48 -8.96 0.85
C PRO B 241 23.05 -8.92 1.39
N THR B 242 22.35 -7.85 1.03
CA THR B 242 20.93 -7.71 1.33
C THR B 242 20.17 -7.46 0.03
N PHE B 243 18.86 -7.62 0.08
CA PHE B 243 18.05 -7.66 -1.13
C PHE B 243 16.83 -6.78 -0.99
N TYR B 244 16.36 -6.29 -2.13
CA TYR B 244 15.07 -5.61 -2.22
C TYR B 244 13.95 -6.53 -1.75
N ASN B 245 13.07 -6.02 -0.88
CA ASN B 245 11.95 -6.84 -0.38
C ASN B 245 10.76 -6.73 -1.34
N ALA B 246 10.71 -7.66 -2.29
CA ALA B 246 9.73 -7.64 -3.35
C ALA B 246 8.30 -7.74 -2.85
N LEU B 247 8.09 -8.25 -1.64
CA LEU B 247 6.71 -8.40 -1.17
C LEU B 247 6.01 -7.07 -0.90
N ARG B 248 6.75 -6.00 -0.65
CA ARG B 248 6.09 -4.70 -0.48
C ARG B 248 5.41 -4.23 -1.75
N GLU B 249 5.73 -4.86 -2.88
CA GLU B 249 5.11 -4.60 -4.17
C GLU B 249 4.05 -5.64 -4.54
N ALA B 250 3.74 -6.57 -3.65
CA ALA B 250 2.71 -7.56 -3.99
C ALA B 250 1.32 -6.91 -3.99
N ASN B 251 0.36 -7.61 -4.60
CA ASN B 251 -0.97 -7.04 -4.82
C ASN B 251 -1.86 -7.25 -3.59
N LEU B 252 -1.45 -6.60 -2.50
CA LEU B 252 -2.05 -6.82 -1.20
C LEU B 252 -3.17 -5.82 -0.90
N GLY B 253 -3.09 -4.61 -1.45
CA GLY B 253 -4.02 -3.56 -1.07
C GLY B 253 -3.81 -3.01 0.32
N TRP B 254 -2.65 -3.23 0.93
CA TRP B 254 -2.43 -2.71 2.27
C TRP B 254 -1.99 -1.25 2.21
N SER B 255 -2.01 -0.60 3.38
CA SER B 255 -1.59 0.79 3.47
C SER B 255 -0.06 0.89 3.57
N TRP B 256 0.45 2.12 3.47
CA TRP B 256 1.90 2.31 3.51
C TRP B 256 2.50 1.84 4.83
N GLU B 257 1.85 2.15 5.95
CA GLU B 257 2.34 1.67 7.24
C GLU B 257 2.32 0.15 7.33
N GLU B 258 1.26 -0.47 6.79
CA GLU B 258 1.13 -1.93 6.89
C GLU B 258 2.18 -2.61 6.04
N LEU B 259 2.41 -2.10 4.82
CA LEU B 259 3.46 -2.66 3.97
C LEU B 259 4.83 -2.46 4.60
N THR B 260 5.06 -1.28 5.19
CA THR B 260 6.38 -0.95 5.71
C THR B 260 6.75 -1.83 6.90
N ARG B 261 5.82 -2.02 7.83
CA ARG B 261 6.14 -2.84 8.98
C ARG B 261 6.15 -4.34 8.68
N ALA B 262 5.54 -4.78 7.58
CA ALA B 262 5.63 -6.19 7.21
C ALA B 262 6.88 -6.52 6.40
N PHE B 263 7.40 -5.58 5.64
CA PHE B 263 8.38 -5.88 4.59
C PHE B 263 9.54 -4.90 4.65
N PRO B 264 10.39 -4.99 5.67
CA PRO B 264 11.60 -4.14 5.68
C PRO B 264 12.45 -4.40 4.44
N SER B 265 13.04 -3.32 3.91
CA SER B 265 13.80 -3.40 2.68
C SER B 265 14.96 -2.42 2.80
N PRO B 266 16.19 -2.84 2.49
CA PRO B 266 16.52 -4.22 2.08
C PRO B 266 16.49 -5.22 3.24
N PHE B 267 16.58 -6.52 2.95
CA PHE B 267 16.50 -7.53 3.99
C PHE B 267 17.43 -8.69 3.65
N SER B 268 17.61 -9.58 4.62
CA SER B 268 18.49 -10.74 4.46
C SER B 268 17.65 -11.92 3.96
N LEU B 269 18.02 -12.44 2.79
CA LEU B 269 17.32 -13.51 2.09
C LEU B 269 17.68 -14.81 2.78
N THR B 270 16.88 -15.20 3.77
CA THR B 270 17.20 -16.33 4.63
C THR B 270 16.03 -17.29 4.68
N VAL B 271 16.27 -18.46 5.26
CA VAL B 271 15.20 -19.42 5.47
C VAL B 271 14.17 -18.86 6.44
N ASP B 272 14.65 -18.23 7.52
CA ASP B 272 13.78 -17.60 8.50
C ASP B 272 12.92 -16.51 7.86
N ALA B 273 13.48 -15.71 6.96
CA ALA B 273 12.65 -14.71 6.27
C ALA B 273 11.50 -15.37 5.49
N ALA B 274 11.80 -16.44 4.74
CA ALA B 274 10.73 -17.10 3.97
C ALA B 274 9.63 -17.62 4.88
N VAL B 275 9.99 -18.28 5.98
CA VAL B 275 8.98 -18.85 6.87
C VAL B 275 8.15 -17.74 7.51
N GLN B 276 8.83 -16.73 8.07
CA GLN B 276 8.11 -15.64 8.72
C GLN B 276 7.19 -14.93 7.73
N GLN B 277 7.64 -14.79 6.47
CA GLN B 277 6.81 -14.10 5.48
C GLN B 277 5.51 -14.87 5.22
N HIS B 278 5.57 -16.20 5.24
CA HIS B 278 4.34 -16.99 5.12
C HIS B 278 3.47 -16.85 6.39
N LEU B 279 4.09 -16.90 7.56
CA LEU B 279 3.31 -16.80 8.80
C LEU B 279 2.65 -15.42 8.95
N MET B 280 3.19 -14.39 8.28
CA MET B 280 2.60 -13.06 8.37
C MET B 280 1.20 -12.97 7.75
N MET B 281 0.83 -13.93 6.88
CA MET B 281 -0.45 -13.89 6.20
C MET B 281 -1.53 -14.59 7.03
N GLU B 282 -2.66 -13.91 7.20
CA GLU B 282 -3.83 -14.52 7.81
C GLU B 282 -4.20 -15.78 7.06
N GLY B 283 -4.63 -16.80 7.80
CA GLY B 283 -5.12 -18.02 7.19
C GLY B 283 -4.05 -18.95 6.65
N VAL B 284 -2.79 -18.72 7.00
CA VAL B 284 -1.70 -19.63 6.64
C VAL B 284 -1.22 -20.32 7.91
N PRO B 285 -1.62 -21.56 8.15
CA PRO B 285 -1.27 -22.22 9.41
C PRO B 285 0.15 -22.75 9.39
N SER B 286 0.85 -22.57 10.51
CA SER B 286 2.24 -23.00 10.60
C SER B 286 2.38 -24.48 10.35
N ALA B 287 1.40 -25.28 10.77
CA ALA B 287 1.52 -26.73 10.63
C ALA B 287 1.57 -27.17 9.18
N LYS B 288 1.14 -26.33 8.22
CA LYS B 288 1.22 -26.73 6.81
C LYS B 288 2.52 -26.29 6.15
N ILE B 289 3.31 -25.44 6.78
CA ILE B 289 4.53 -24.93 6.20
C ILE B 289 5.63 -25.96 6.39
N VAL B 290 6.28 -26.35 5.31
CA VAL B 290 7.36 -27.33 5.34
C VAL B 290 8.62 -26.65 4.84
N MET B 291 9.71 -26.75 5.63
CA MET B 291 10.98 -26.10 5.30
C MET B 291 11.81 -26.97 4.36
N GLY B 292 12.15 -26.46 3.18
CA GLY B 292 13.06 -27.19 2.31
C GLY B 292 14.52 -27.00 2.68
N VAL B 293 15.32 -28.06 2.51
CA VAL B 293 16.77 -27.98 2.71
C VAL B 293 17.48 -28.61 1.53
N PRO B 294 18.69 -28.15 1.16
CA PRO B 294 19.40 -28.76 0.03
C PRO B 294 20.35 -29.87 0.48
N PHE B 295 20.40 -30.95 -0.30
CA PHE B 295 21.43 -31.97 -0.11
C PHE B 295 22.62 -31.80 -1.04
N TYR B 296 22.84 -30.57 -1.54
CA TYR B 296 23.88 -30.26 -2.49
C TYR B 296 24.49 -28.92 -2.12
N GLY B 297 25.70 -28.67 -2.63
CA GLY B 297 26.32 -27.38 -2.47
C GLY B 297 26.44 -26.64 -3.80
N ARG B 298 26.63 -25.33 -3.72
CA ARG B 298 26.85 -24.49 -4.89
C ARG B 298 28.26 -23.92 -4.82
N ALA B 299 29.01 -24.08 -5.91
CA ALA B 299 30.43 -23.71 -5.96
C ALA B 299 30.66 -22.44 -6.78
N PHE B 300 31.56 -21.59 -6.31
CA PHE B 300 31.96 -20.36 -6.99
C PHE B 300 33.47 -20.37 -7.19
N LYS B 301 33.92 -19.72 -8.28
CA LYS B 301 35.34 -19.57 -8.57
C LYS B 301 35.71 -18.10 -8.69
N GLY B 302 37.01 -17.83 -8.66
CA GLY B 302 37.48 -16.45 -8.71
C GLY B 302 37.18 -15.65 -7.45
N VAL B 303 37.10 -16.29 -6.30
CA VAL B 303 36.76 -15.56 -5.08
C VAL B 303 38.03 -14.99 -4.47
N SER B 304 37.88 -13.88 -3.75
CA SER B 304 38.97 -13.25 -3.04
C SER B 304 39.09 -13.84 -1.63
N GLY B 305 40.15 -13.43 -0.93
CA GLY B 305 40.43 -13.94 0.39
C GLY B 305 40.05 -12.96 1.49
N GLY B 306 40.29 -13.40 2.72
CA GLY B 306 40.04 -12.57 3.88
C GLY B 306 38.89 -13.08 4.71
N ASN B 307 37.78 -13.35 4.05
CA ASN B 307 36.55 -13.77 4.70
C ASN B 307 36.14 -15.17 4.26
N GLY B 308 37.11 -15.98 3.84
CA GLY B 308 36.86 -17.36 3.47
C GLY B 308 36.03 -17.55 2.23
N GLY B 309 36.05 -16.58 1.31
CA GLY B 309 35.27 -16.66 0.09
C GLY B 309 33.87 -16.11 0.23
N GLN B 310 33.41 -15.85 1.45
CA GLN B 310 32.11 -15.25 1.69
C GLN B 310 32.05 -13.82 1.20
N TYR B 311 30.95 -13.47 0.53
CA TYR B 311 30.64 -12.08 0.19
C TYR B 311 31.73 -11.47 -0.68
N SER B 312 32.24 -12.24 -1.63
CA SER B 312 33.29 -11.81 -2.54
C SER B 312 32.76 -11.81 -3.97
N SER B 313 33.28 -10.87 -4.77
CA SER B 313 33.08 -10.99 -6.20
C SER B 313 33.67 -12.31 -6.69
N HIS B 314 33.26 -12.72 -7.88
CA HIS B 314 33.65 -14.02 -8.41
C HIS B 314 33.54 -13.98 -9.92
N SER B 315 33.91 -15.08 -10.55
CA SER B 315 33.95 -15.20 -12.00
C SER B 315 33.29 -16.49 -12.46
N THR B 316 32.24 -16.89 -11.77
CA THR B 316 31.51 -18.10 -12.13
C THR B 316 30.48 -17.78 -13.20
N PRO B 317 30.43 -18.55 -14.28
CA PRO B 317 29.34 -18.36 -15.25
C PRO B 317 28.00 -18.64 -14.60
N GLY B 318 27.06 -17.72 -14.77
CA GLY B 318 25.69 -17.97 -14.36
C GLY B 318 24.84 -18.70 -15.36
N GLU B 319 25.38 -18.97 -16.55
CA GLU B 319 24.59 -19.51 -17.64
C GLU B 319 24.13 -20.93 -17.34
N ASP B 320 23.05 -21.33 -18.02
CA ASP B 320 22.59 -22.71 -18.03
C ASP B 320 22.24 -23.05 -19.48
N PRO B 321 22.84 -24.10 -20.05
CA PRO B 321 23.77 -25.00 -19.35
C PRO B 321 25.14 -24.37 -19.14
N TYR B 322 25.99 -25.02 -18.35
CA TYR B 322 27.35 -24.57 -18.17
C TYR B 322 28.02 -24.42 -19.53
N PRO B 323 28.45 -23.23 -19.92
CA PRO B 323 28.92 -22.98 -21.28
C PRO B 323 30.43 -23.13 -21.43
N SER B 324 30.98 -24.24 -20.92
CA SER B 324 32.41 -24.45 -20.93
C SER B 324 32.71 -25.92 -20.66
N THR B 325 33.96 -26.31 -20.90
CA THR B 325 34.46 -27.64 -20.59
C THR B 325 35.49 -27.61 -19.47
N ASP B 326 35.64 -26.47 -18.80
CA ASP B 326 36.62 -26.28 -17.73
C ASP B 326 35.99 -26.70 -16.41
N TYR B 327 36.31 -27.91 -15.96
CA TYR B 327 35.74 -28.45 -14.73
C TYR B 327 36.72 -28.14 -13.60
N TRP B 328 36.54 -26.97 -12.98
CA TRP B 328 37.50 -26.37 -12.06
C TRP B 328 37.25 -26.71 -10.59
N LEU B 329 36.24 -27.50 -10.25
CA LEU B 329 35.99 -27.84 -8.85
C LEU B 329 36.87 -29.03 -8.50
N VAL B 330 38.01 -28.77 -7.87
CA VAL B 330 39.03 -29.80 -7.75
C VAL B 330 38.51 -30.94 -6.87
N GLY B 331 38.69 -32.18 -7.35
CA GLY B 331 38.30 -33.36 -6.62
C GLY B 331 36.90 -33.85 -6.90
N CYS B 332 36.11 -33.06 -7.60
CA CYS B 332 34.70 -33.38 -7.82
C CYS B 332 34.60 -34.23 -9.08
N GLU B 333 34.62 -35.56 -8.89
CA GLU B 333 34.46 -36.46 -10.03
C GLU B 333 33.08 -36.33 -10.65
N GLU B 334 32.06 -36.10 -9.82
CA GLU B 334 30.69 -36.06 -10.32
C GLU B 334 30.41 -34.78 -11.09
N CYS B 335 31.22 -33.73 -10.88
CA CYS B 335 31.14 -32.54 -11.73
C CYS B 335 31.58 -32.84 -13.16
N VAL B 336 32.56 -33.72 -13.34
CA VAL B 336 32.96 -34.15 -14.68
C VAL B 336 31.86 -34.99 -15.31
N ARG B 337 31.34 -35.97 -14.56
CA ARG B 337 30.27 -36.84 -15.05
C ARG B 337 29.04 -36.02 -15.48
N ASP B 338 28.81 -34.87 -14.85
CA ASP B 338 27.64 -34.05 -15.15
C ASP B 338 27.98 -32.75 -15.86
N LYS B 339 29.27 -32.49 -16.15
CA LYS B 339 29.68 -31.36 -16.98
C LYS B 339 29.24 -30.03 -16.38
N ASP B 340 29.29 -29.92 -15.07
CA ASP B 340 29.00 -28.66 -14.41
C ASP B 340 29.74 -28.59 -13.08
N PRO B 341 30.70 -27.67 -12.94
CA PRO B 341 31.44 -27.58 -11.68
C PRO B 341 30.76 -26.72 -10.62
N ARG B 342 29.57 -26.18 -10.89
CA ARG B 342 28.95 -25.23 -9.98
C ARG B 342 27.99 -25.90 -8.99
N ILE B 343 27.80 -27.21 -9.07
CA ILE B 343 26.93 -27.95 -8.17
C ILE B 343 27.65 -29.21 -7.73
N ALA B 344 27.62 -29.51 -6.44
CA ALA B 344 28.11 -30.80 -5.96
C ALA B 344 27.20 -31.35 -4.89
N SER B 345 26.88 -32.63 -4.99
CA SER B 345 26.12 -33.33 -3.97
C SER B 345 26.87 -33.36 -2.63
N TYR B 346 26.12 -33.48 -1.54
CA TYR B 346 26.74 -33.64 -0.23
C TYR B 346 27.67 -34.83 -0.22
N ARG B 347 27.27 -35.92 -0.88
CA ARG B 347 28.12 -37.11 -0.92
C ARG B 347 29.48 -36.79 -1.51
N GLN B 348 29.49 -36.06 -2.63
CA GLN B 348 30.75 -35.71 -3.27
C GLN B 348 31.56 -34.73 -2.43
N LEU B 349 30.90 -33.73 -1.83
CA LEU B 349 31.62 -32.76 -0.98
C LEU B 349 32.31 -33.45 0.19
N GLU B 350 31.63 -34.44 0.78
CA GLU B 350 32.24 -35.18 1.88
C GLU B 350 33.53 -35.84 1.43
N GLN B 351 33.53 -36.34 0.20
CA GLN B 351 34.71 -37.02 -0.33
C GLN B 351 35.78 -36.02 -0.74
N MET B 352 35.38 -34.82 -1.18
CA MET B 352 36.36 -33.77 -1.43
C MET B 352 37.04 -33.34 -0.15
N LEU B 353 36.31 -33.34 0.97
CA LEU B 353 36.88 -32.92 2.24
C LEU B 353 37.95 -33.90 2.72
N GLN B 354 37.64 -35.19 2.72
CA GLN B 354 38.59 -36.18 3.19
C GLN B 354 39.55 -36.65 2.09
N GLY B 355 39.83 -35.81 1.10
CA GLY B 355 40.72 -36.21 0.03
C GLY B 355 41.95 -35.35 -0.13
N ASN B 356 42.22 -34.46 0.82
CA ASN B 356 43.44 -33.63 0.81
C ASN B 356 43.53 -32.77 -0.45
N TYR B 357 42.41 -32.19 -0.87
CA TYR B 357 42.41 -31.34 -2.04
C TYR B 357 42.56 -29.86 -1.69
N GLY B 358 42.94 -29.55 -0.46
CA GLY B 358 43.13 -28.17 -0.07
C GLY B 358 41.88 -27.44 0.36
N TYR B 359 40.75 -28.12 0.50
CA TYR B 359 39.55 -27.46 1.00
C TYR B 359 39.59 -27.35 2.51
N GLN B 360 39.05 -26.25 3.00
CA GLN B 360 38.88 -26.02 4.42
C GLN B 360 37.38 -25.88 4.69
N ARG B 361 36.90 -26.53 5.74
CA ARG B 361 35.49 -26.45 6.11
C ARG B 361 35.34 -25.39 7.20
N LEU B 362 34.63 -24.32 6.88
CA LEU B 362 34.42 -23.24 7.81
C LEU B 362 32.95 -23.19 8.23
N TRP B 363 32.68 -22.41 9.27
CA TRP B 363 31.36 -22.33 9.87
C TRP B 363 31.00 -20.87 10.07
N ASN B 364 29.83 -20.47 9.59
CA ASN B 364 29.31 -19.14 9.86
C ASN B 364 28.31 -19.28 11.00
N ASP B 365 28.64 -18.69 12.14
CA ASP B 365 27.80 -18.88 13.32
C ASP B 365 26.59 -17.96 13.32
N LYS B 366 26.52 -17.02 12.37
CA LYS B 366 25.33 -16.19 12.24
C LYS B 366 24.25 -16.91 11.43
N THR B 367 24.61 -17.34 10.22
CA THR B 367 23.70 -18.06 9.34
C THR B 367 23.48 -19.50 9.79
N LYS B 368 24.38 -20.01 10.65
CA LYS B 368 24.34 -21.40 11.14
C LYS B 368 24.47 -22.39 10.01
N THR B 369 25.37 -22.11 9.07
CA THR B 369 25.59 -22.99 7.93
C THR B 369 27.09 -23.13 7.68
N PRO B 370 27.52 -24.28 7.15
CA PRO B 370 28.93 -24.47 6.81
C PRO B 370 29.26 -23.89 5.43
N TYR B 371 30.57 -23.78 5.17
CA TYR B 371 31.03 -23.48 3.82
C TYR B 371 32.45 -24.00 3.65
N LEU B 372 32.79 -24.27 2.40
CA LEU B 372 34.15 -24.65 2.04
C LEU B 372 34.88 -23.45 1.47
N TYR B 373 36.17 -23.37 1.77
CA TYR B 373 37.07 -22.39 1.18
C TYR B 373 38.27 -23.12 0.62
N HIS B 374 38.63 -22.82 -0.62
CA HIS B 374 39.86 -23.29 -1.25
C HIS B 374 40.74 -22.06 -1.47
N ALA B 375 41.79 -21.92 -0.66
CA ALA B 375 42.60 -20.71 -0.70
C ALA B 375 43.52 -20.69 -1.93
N GLN B 376 44.06 -21.84 -2.32
CA GLN B 376 44.94 -21.90 -3.49
C GLN B 376 44.21 -21.44 -4.74
N ASN B 377 43.12 -22.13 -5.11
CA ASN B 377 42.42 -21.88 -6.36
C ASN B 377 41.29 -20.87 -6.25
N GLU B 378 41.10 -20.25 -5.08
CA GLU B 378 40.05 -19.28 -4.89
C GLU B 378 38.63 -19.80 -5.11
N LEU B 379 38.23 -20.84 -4.39
CA LEU B 379 36.90 -21.42 -4.54
C LEU B 379 36.10 -21.28 -3.25
N PHE B 380 34.78 -21.24 -3.41
CA PHE B 380 33.83 -21.10 -2.30
C PHE B 380 32.65 -22.01 -2.56
N VAL B 381 32.28 -22.81 -1.56
CA VAL B 381 31.15 -23.73 -1.67
C VAL B 381 30.20 -23.48 -0.51
N THR B 382 28.94 -23.20 -0.82
CA THR B 382 27.89 -23.09 0.20
C THR B 382 27.03 -24.35 0.18
N TYR B 383 26.77 -24.93 1.35
CA TYR B 383 26.05 -26.19 1.42
C TYR B 383 25.49 -26.33 2.82
N ASP B 384 24.74 -27.41 3.05
CA ASP B 384 24.23 -27.76 4.38
C ASP B 384 24.79 -29.11 4.81
N ASP B 385 24.83 -29.34 6.13
CA ASP B 385 25.24 -30.64 6.64
C ASP B 385 24.45 -30.96 7.91
N ALA B 386 24.80 -32.08 8.55
CA ALA B 386 24.09 -32.53 9.74
C ALA B 386 24.17 -31.52 10.88
N GLU B 387 25.16 -30.63 10.87
CA GLU B 387 25.24 -29.62 11.93
C GLU B 387 24.28 -28.46 11.67
N SER B 388 24.24 -27.96 10.42
CA SER B 388 23.28 -26.92 10.09
C SER B 388 21.84 -27.43 10.24
N PHE B 389 21.62 -28.73 10.04
CA PHE B 389 20.29 -29.30 10.21
C PHE B 389 19.83 -29.31 11.67
N LYS B 390 20.75 -29.27 12.64
CA LYS B 390 20.33 -29.16 14.04
C LYS B 390 19.57 -27.87 14.28
N TYR B 391 20.07 -26.75 13.74
CA TYR B 391 19.41 -25.48 13.97
C TYR B 391 18.12 -25.39 13.17
N LYS B 392 18.14 -25.92 11.95
CA LYS B 392 16.92 -25.93 11.14
C LYS B 392 15.85 -26.80 11.76
N ALA B 393 16.23 -27.98 12.29
CA ALA B 393 15.27 -28.84 12.98
C ALA B 393 14.70 -28.15 14.21
N LYS B 394 15.55 -27.48 14.99
CA LYS B 394 15.04 -26.79 16.17
C LYS B 394 14.10 -25.65 15.77
N TYR B 395 14.42 -24.93 14.68
CA TYR B 395 13.54 -23.86 14.20
C TYR B 395 12.18 -24.43 13.80
N ILE B 396 12.18 -25.58 13.12
CA ILE B 396 10.92 -26.22 12.72
C ILE B 396 10.06 -26.53 13.94
N LYS B 397 10.69 -26.98 15.03
CA LYS B 397 9.91 -27.35 16.21
C LYS B 397 9.43 -26.10 16.95
N GLN B 398 10.32 -25.13 17.14
CA GLN B 398 9.95 -23.89 17.83
C GLN B 398 8.84 -23.16 17.11
N GLN B 399 8.90 -23.11 15.78
CA GLN B 399 7.92 -22.40 14.98
C GLN B 399 6.70 -23.26 14.63
N GLN B 400 6.66 -24.51 15.10
CA GLN B 400 5.53 -25.42 14.91
C GLN B 400 5.21 -25.60 13.42
N LEU B 401 6.26 -25.73 12.62
CA LEU B 401 6.09 -26.02 11.20
C LEU B 401 5.71 -27.49 10.99
N GLY B 402 5.26 -27.78 9.77
CA GLY B 402 4.83 -29.12 9.43
C GLY B 402 5.95 -30.13 9.33
N GLY B 403 7.16 -29.69 8.95
CA GLY B 403 8.29 -30.60 8.85
C GLY B 403 9.36 -30.08 7.89
N VAL B 404 10.01 -31.02 7.22
CA VAL B 404 11.16 -30.72 6.38
C VAL B 404 10.99 -31.42 5.04
N MET B 405 11.51 -30.78 4.00
CA MET B 405 11.57 -31.32 2.65
C MET B 405 13.01 -31.16 2.17
N PHE B 406 13.49 -32.09 1.32
CA PHE B 406 14.83 -31.90 0.79
C PHE B 406 14.94 -32.35 -0.66
N TRP B 407 15.85 -31.70 -1.37
CA TRP B 407 16.27 -32.03 -2.74
C TRP B 407 17.77 -32.34 -2.72
N HIS B 408 18.15 -33.57 -3.08
CA HIS B 408 17.23 -34.70 -3.26
C HIS B 408 17.96 -35.96 -2.75
N LEU B 409 17.24 -37.07 -2.72
CA LEU B 409 17.69 -38.28 -2.04
C LEU B 409 19.00 -38.80 -2.63
N GLY B 410 19.19 -38.68 -3.93
CA GLY B 410 20.39 -39.20 -4.55
C GLY B 410 21.66 -38.45 -4.19
N GLN B 411 21.56 -37.35 -3.45
CA GLN B 411 22.73 -36.56 -3.12
C GLN B 411 23.24 -36.83 -1.71
N ASP B 412 22.52 -37.60 -0.91
CA ASP B 412 22.99 -37.96 0.42
C ASP B 412 24.20 -38.88 0.30
N ASN B 413 24.95 -39.03 1.39
CA ASN B 413 26.07 -39.95 1.27
C ASN B 413 25.55 -41.38 1.33
N ARG B 414 26.44 -42.36 1.15
CA ARG B 414 25.96 -43.73 1.03
C ARG B 414 25.35 -44.23 2.33
N ASN B 415 25.81 -43.71 3.48
CA ASN B 415 25.22 -44.09 4.76
C ASN B 415 23.88 -43.41 5.03
N GLY B 416 23.45 -42.46 4.19
CA GLY B 416 22.22 -41.74 4.46
C GLY B 416 22.32 -40.84 5.68
N ASP B 417 23.49 -40.23 5.91
CA ASP B 417 23.71 -39.47 7.14
C ASP B 417 22.80 -38.25 7.24
N LEU B 418 22.58 -37.53 6.13
CA LEU B 418 21.77 -36.30 6.24
C LEU B 418 20.31 -36.65 6.57
N LEU B 419 19.74 -37.65 5.92
CA LEU B 419 18.39 -38.10 6.25
C LEU B 419 18.31 -38.62 7.69
N ALA B 420 19.30 -39.44 8.09
CA ALA B 420 19.26 -39.96 9.45
C ALA B 420 19.30 -38.83 10.47
N SER B 421 20.02 -37.73 10.17
CA SER B 421 20.11 -36.62 11.11
C SER B 421 18.77 -35.93 11.26
N LEU B 422 18.07 -35.67 10.15
CA LEU B 422 16.77 -35.04 10.24
C LEU B 422 15.82 -35.90 11.08
N ASP B 423 15.77 -37.20 10.80
CA ASP B 423 14.90 -38.07 11.58
C ASP B 423 15.30 -38.08 13.06
N ARG B 424 16.62 -38.07 13.34
CA ARG B 424 17.11 -38.05 14.73
C ARG B 424 16.65 -36.79 15.47
N TYR B 425 16.79 -35.63 14.84
CA TYR B 425 16.51 -34.39 15.57
C TYR B 425 15.02 -34.25 15.85
N PHE B 426 14.17 -34.86 15.02
CA PHE B 426 12.73 -34.82 15.27
C PHE B 426 12.27 -35.90 16.24
N ASN B 427 12.86 -37.09 16.17
CA ASN B 427 12.24 -38.27 16.78
C ASN B 427 13.11 -39.05 17.78
N ALA B 428 14.41 -38.90 17.78
CA ALA B 428 15.23 -39.74 18.65
C ALA B 428 15.01 -39.35 20.10
N ALA B 429 14.67 -40.34 20.93
CA ALA B 429 14.43 -40.06 22.34
C ALA B 429 15.70 -39.64 23.07
N ASP B 430 16.88 -40.00 22.57
CA ASP B 430 18.10 -39.62 23.27
C ASP B 430 18.79 -38.41 22.66
N TYR B 431 18.11 -37.66 21.81
CA TYR B 431 18.62 -36.40 21.30
C TYR B 431 17.91 -35.24 21.99
N ASP B 432 18.67 -34.24 22.42
CA ASP B 432 18.15 -33.18 23.28
C ASP B 432 18.70 -31.83 22.82
N ASP B 433 17.87 -31.01 22.15
CA ASP B 433 18.35 -29.73 21.66
C ASP B 433 17.86 -28.54 22.50
N SER B 434 17.42 -28.78 23.75
CA SER B 434 16.86 -27.69 24.54
C SER B 434 17.89 -26.58 24.80
N GLN B 435 19.18 -26.89 24.77
CA GLN B 435 20.21 -25.88 24.99
C GLN B 435 20.94 -25.50 23.72
N LEU B 436 20.49 -25.96 22.55
CA LEU B 436 21.13 -25.55 21.31
C LEU B 436 20.98 -24.05 21.13
N ASP B 437 22.10 -23.38 20.91
CA ASP B 437 22.15 -21.93 20.89
C ASP B 437 21.89 -21.48 19.45
N MET B 438 20.76 -20.81 19.23
CA MET B 438 20.34 -20.41 17.88
C MET B 438 21.07 -19.17 17.39
N GLY B 439 21.93 -18.57 18.21
CA GLY B 439 22.82 -17.53 17.73
C GLY B 439 22.18 -16.16 17.68
N THR B 440 22.98 -15.19 17.23
CA THR B 440 22.58 -13.79 17.13
C THR B 440 22.49 -13.32 15.68
N GLY B 441 22.31 -14.26 14.74
CA GLY B 441 22.07 -13.86 13.36
C GLY B 441 20.80 -13.05 13.25
N LEU B 442 20.65 -12.34 12.14
CA LEU B 442 19.53 -11.44 11.97
C LEU B 442 18.23 -12.22 11.79
N ARG B 443 17.24 -11.95 12.64
CA ARG B 443 15.89 -12.46 12.47
C ARG B 443 15.09 -11.54 11.57
N TYR B 444 14.10 -12.10 10.86
CA TYR B 444 13.18 -11.28 10.08
C TYR B 444 12.15 -10.66 11.02
N THR B 445 12.09 -9.32 11.06
CA THR B 445 11.30 -8.61 12.05
C THR B 445 9.95 -8.12 11.53
N GLY B 446 9.55 -8.48 10.30
CA GLY B 446 8.31 -7.98 9.78
C GLY B 446 7.11 -8.49 10.56
N VAL B 447 6.04 -7.69 10.57
CA VAL B 447 4.80 -8.04 11.26
C VAL B 447 3.65 -7.81 10.32
N GLY B 448 2.74 -8.78 10.24
CA GLY B 448 1.60 -8.68 9.37
C GLY B 448 0.33 -9.13 10.07
N PRO B 449 -0.79 -9.15 9.35
CA PRO B 449 -2.08 -9.50 9.98
C PRO B 449 -2.10 -10.87 10.62
N GLY B 450 -1.30 -11.82 10.14
CA GLY B 450 -1.34 -13.18 10.63
C GLY B 450 -0.45 -13.48 11.81
N ASN B 451 0.47 -12.58 12.16
CA ASN B 451 1.37 -12.81 13.30
C ASN B 451 1.39 -11.57 14.20
N LEU B 452 0.25 -10.93 14.38
CA LEU B 452 0.17 -9.78 15.27
C LEU B 452 0.29 -10.21 16.73
N PRO B 453 0.94 -9.42 17.57
CA PRO B 453 1.08 -9.79 18.98
C PRO B 453 -0.26 -9.71 19.71
N ILE B 454 -0.39 -10.53 20.74
CA ILE B 454 -1.56 -10.43 21.62
C ILE B 454 -1.40 -9.18 22.48
N MET B 455 -2.47 -8.38 22.55
CA MET B 455 -2.46 -7.11 23.29
C MET B 455 -3.82 -6.90 23.95
N THR B 456 -3.87 -5.95 24.87
CA THR B 456 -5.10 -5.53 25.50
C THR B 456 -5.24 -4.02 25.40
N ALA B 457 -6.49 -3.56 25.29
CA ALA B 457 -6.76 -2.13 25.19
C ALA B 457 -8.20 -1.90 25.59
N PRO B 458 -8.56 -0.71 26.08
CA PRO B 458 -9.97 -0.43 26.34
C PRO B 458 -10.79 -0.51 25.06
N ALA B 459 -12.02 -0.97 25.20
CA ALA B 459 -12.90 -1.06 24.05
C ALA B 459 -13.10 0.31 23.41
N TYR B 460 -13.15 0.33 22.08
CA TYR B 460 -13.49 1.56 21.37
C TYR B 460 -14.86 2.04 21.82
N VAL B 461 -15.01 3.36 21.97
CA VAL B 461 -16.26 3.98 22.39
C VAL B 461 -16.74 4.95 21.29
N PRO B 462 -17.78 4.60 20.54
CA PRO B 462 -18.31 5.54 19.55
C PRO B 462 -18.68 6.87 20.22
N GLY B 463 -18.25 7.96 19.60
CA GLY B 463 -18.49 9.28 20.14
C GLY B 463 -17.28 9.91 20.79
N THR B 464 -16.22 9.15 20.99
CA THR B 464 -14.99 9.62 21.60
C THR B 464 -14.07 10.23 20.55
N THR B 465 -13.31 11.24 20.95
CA THR B 465 -12.25 11.79 20.12
C THR B 465 -10.91 11.32 20.68
N TYR B 466 -10.15 10.60 19.88
CA TYR B 466 -8.89 10.05 20.36
C TYR B 466 -7.69 10.86 19.87
N ALA B 467 -6.67 10.95 20.73
CA ALA B 467 -5.43 11.59 20.35
C ALA B 467 -4.53 10.61 19.60
N GLN B 468 -3.43 11.14 19.07
CA GLN B 468 -2.49 10.33 18.33
C GLN B 468 -1.84 9.32 19.25
N GLY B 469 -1.75 8.07 18.78
CA GLY B 469 -1.14 7.02 19.55
C GLY B 469 -2.04 6.29 20.52
N ALA B 470 -3.33 6.63 20.58
CA ALA B 470 -4.24 5.93 21.48
C ALA B 470 -4.47 4.50 21.00
N LEU B 471 -4.69 3.60 21.97
CA LEU B 471 -4.98 2.20 21.67
C LEU B 471 -6.39 1.86 22.10
N VAL B 472 -7.12 1.14 21.24
CA VAL B 472 -8.43 0.59 21.59
C VAL B 472 -8.51 -0.82 21.04
N SER B 473 -9.46 -1.58 21.58
CA SER B 473 -9.84 -2.89 21.05
C SER B 473 -11.18 -2.75 20.36
N TYR B 474 -11.36 -3.51 19.28
CA TYR B 474 -12.53 -3.39 18.43
C TYR B 474 -12.53 -4.55 17.44
N GLN B 475 -13.65 -5.27 17.36
CA GLN B 475 -13.78 -6.39 16.43
C GLN B 475 -12.62 -7.38 16.56
N GLY B 476 -12.15 -7.57 17.79
CA GLY B 476 -11.17 -8.58 18.07
C GLY B 476 -9.71 -8.19 17.88
N TYR B 477 -9.44 -6.94 17.51
CA TYR B 477 -8.06 -6.46 17.37
C TYR B 477 -7.83 -5.24 18.24
N VAL B 478 -6.56 -4.95 18.48
CA VAL B 478 -6.13 -3.70 19.09
C VAL B 478 -5.63 -2.79 17.98
N TRP B 479 -6.09 -1.55 17.99
CA TRP B 479 -5.80 -0.58 16.94
C TRP B 479 -5.14 0.65 17.53
N GLN B 480 -4.25 1.27 16.77
CA GLN B 480 -3.57 2.48 17.18
C GLN B 480 -3.86 3.60 16.19
N THR B 481 -4.08 4.81 16.71
CA THR B 481 -4.29 5.97 15.85
C THR B 481 -2.95 6.48 15.33
N LYS B 482 -2.91 6.82 14.04
CA LYS B 482 -1.70 7.29 13.39
C LYS B 482 -1.52 8.80 13.48
N TRP B 483 -2.59 9.56 13.72
CA TRP B 483 -2.50 11.00 13.97
C TRP B 483 -3.60 11.37 14.94
N GLY B 484 -3.81 12.66 15.16
CA GLY B 484 -4.64 13.14 16.25
C GLY B 484 -6.03 13.57 15.83
N TYR B 485 -6.89 13.74 16.85
CA TYR B 485 -8.29 14.13 16.67
C TYR B 485 -9.02 13.12 15.78
N ILE B 486 -9.11 11.89 16.28
CA ILE B 486 -9.72 10.79 15.54
C ILE B 486 -11.14 10.59 16.05
N THR B 487 -12.13 10.79 15.19
CA THR B 487 -13.53 10.68 15.58
C THR B 487 -14.23 9.53 14.90
N SER B 488 -13.50 8.75 14.10
CA SER B 488 -14.03 7.62 13.36
C SER B 488 -13.66 6.31 14.05
N ALA B 489 -14.36 5.26 13.67
CA ALA B 489 -14.15 3.94 14.23
C ALA B 489 -13.03 3.20 13.50
N PRO B 490 -12.27 2.37 14.23
CA PRO B 490 -11.28 1.51 13.57
C PRO B 490 -11.96 0.66 12.50
N GLY B 491 -11.28 0.52 11.37
CA GLY B 491 -11.85 -0.16 10.22
C GLY B 491 -12.71 0.70 9.32
N SER B 492 -13.17 1.86 9.80
CA SER B 492 -14.00 2.74 9.01
C SER B 492 -13.24 3.90 8.39
N ASP B 493 -11.91 3.96 8.60
CA ASP B 493 -11.20 5.19 8.28
C ASP B 493 -9.70 4.97 8.35
N SER B 494 -8.97 5.62 7.44
CA SER B 494 -7.53 5.45 7.29
C SER B 494 -6.72 5.78 8.55
N ALA B 495 -7.36 6.30 9.61
CA ALA B 495 -6.57 6.80 10.73
C ALA B 495 -6.08 5.71 11.69
N TRP B 496 -6.60 4.49 11.60
CA TRP B 496 -6.34 3.48 12.62
C TRP B 496 -5.45 2.40 12.04
N LEU B 497 -4.43 2.02 12.80
CA LEU B 497 -3.55 0.92 12.43
C LEU B 497 -3.84 -0.28 13.32
N LYS B 498 -4.08 -1.43 12.71
CA LYS B 498 -4.22 -2.69 13.44
C LYS B 498 -2.84 -3.13 13.96
N VAL B 499 -2.68 -3.19 15.28
CA VAL B 499 -1.38 -3.48 15.88
C VAL B 499 -1.37 -4.73 16.75
N GLY B 500 -2.52 -5.29 17.09
CA GLY B 500 -2.52 -6.45 17.97
C GLY B 500 -3.83 -7.19 17.84
N ARG B 501 -3.84 -8.42 18.35
CA ARG B 501 -5.02 -9.26 18.27
C ARG B 501 -5.59 -9.52 19.66
N VAL B 502 -6.88 -9.87 19.67
CA VAL B 502 -7.62 -10.27 20.86
C VAL B 502 -7.82 -9.08 21.77
#